data_8ZCS
#
_entry.id   8ZCS
#
_cell.length_a   57.854
_cell.length_b   75.709
_cell.length_c   121.222
_cell.angle_alpha   90.00
_cell.angle_beta   95.77
_cell.angle_gamma   90.00
#
_symmetry.space_group_name_H-M   'P 1 21 1'
#
loop_
_entity.id
_entity.type
_entity.pdbx_description
1 polymer 'Maltose/maltodextrin-binding periplasmic protein,Induced myeloid leukemia cell differentiation protein Mcl-1'
2 polymer TYR-LEU-LEU-PHE-TRP-ARG-ASP-GLU-LEU-ILE-LEU-LEU-CCJ-NH2
3 branched alpha-D-glucopyranose-(1-4)-alpha-D-glucopyranose-(1-4)-alpha-D-glucopyranose-(1-4)-alpha-D-glucopyranose
4 branched alpha-D-glucopyranose-(1-4)-alpha-D-glucopyranose-(1-4)-alpha-D-glucopyranose-(1-4)-alpha-D-glucopyranose-(1-4)-alpha-D-glucopyranose
5 water water
#
loop_
_entity_poly.entity_id
_entity_poly.type
_entity_poly.pdbx_seq_one_letter_code
_entity_poly.pdbx_strand_id
1 'polypeptide(L)'
;GKIEEGKLVIWINGDKGYNGLAEVGKKFEKDTGIKVTVEHPDKLEEKFPQVAATGDGPDIIFWAHDRFGGYAQSGLLAEI
TPDKAFQDKLYPFTWDAVRYNGKLIAYPIAVEALSLIYNKDLLPNPPKTWEEIPALDKELKAKGKSALMFNLQEPYFTWP
LIAADGGYAFKYAAGKYDIKDVGVDNAGAKAGLTFLVDLIKNKHMNADTDYSIAEAAFNKGETAMTINGPWAWSNIDTSA
VNYGVTVLPTFKGQPSKPFVGVLSAGINAASPNKELAKEFLENYLLTDEGLEAVNKDKPLGAVALKSYEEELAKDPRIAA
TMENAQKGEIMPNIPQMSAFWYAVRTAVINAASGRQTVDEALKDAQTGSELYRQSLEIISRYLREQATGAADTAPMGASG
ATSRKALETLRRVGDGVQRNHETAFQGMLRKLDIKNEDDVKSLSRVMIHVFSDGVTNWGRIVTLISFGAFVAKHLKTINQ
ESCIEPLAESITDVLVRTKRDWLVKQRGWDGFVEFFHVSEHH
;
A,B
2 'polypeptide(L)' YLLFWRDELILL(CCJ)(NH2) C
#
# COMPACT_ATOMS: atom_id res chain seq x y z
CA GLY A 1 8.90 7.94 -23.51
C GLY A 1 10.00 6.89 -23.60
N LYS A 2 10.00 5.89 -22.69
CA LYS A 2 11.16 5.01 -22.35
C LYS A 2 10.81 3.52 -22.37
N ILE A 3 9.87 3.04 -23.20
CA ILE A 3 9.53 1.57 -23.25
C ILE A 3 10.56 0.86 -24.12
N GLU A 4 11.26 -0.15 -23.60
CA GLU A 4 12.42 -0.76 -24.29
C GLU A 4 11.91 -1.63 -25.45
N GLU A 5 12.71 -1.75 -26.51
CA GLU A 5 12.35 -2.50 -27.75
C GLU A 5 13.05 -3.86 -27.76
N GLY A 6 12.47 -4.81 -28.50
CA GLY A 6 12.98 -6.19 -28.66
C GLY A 6 12.72 -7.03 -27.42
N LYS A 7 12.03 -6.47 -26.41
CA LYS A 7 11.57 -7.22 -25.21
C LYS A 7 10.10 -6.87 -24.90
N LEU A 8 9.47 -7.68 -24.04
CA LEU A 8 8.09 -7.49 -23.52
C LEU A 8 8.13 -7.43 -21.99
N VAL A 9 7.65 -6.31 -21.44
CA VAL A 9 7.42 -6.11 -19.98
C VAL A 9 5.92 -6.30 -19.74
N ILE A 10 5.55 -7.25 -18.87
CA ILE A 10 4.13 -7.60 -18.56
C ILE A 10 3.85 -7.27 -17.09
N TRP A 11 2.73 -6.58 -16.82
CA TRP A 11 2.22 -6.32 -15.46
C TRP A 11 0.96 -7.14 -15.22
N ILE A 12 0.98 -8.02 -14.22
CA ILE A 12 -0.19 -8.80 -13.77
C ILE A 12 -0.28 -8.73 -12.24
N ASN A 13 -1.49 -8.70 -11.68
CA ASN A 13 -1.70 -8.61 -10.22
C ASN A 13 -1.13 -9.85 -9.55
N GLY A 14 -0.51 -9.67 -8.38
CA GLY A 14 0.16 -10.74 -7.63
C GLY A 14 -0.79 -11.86 -7.18
N ASP A 15 -2.10 -11.64 -7.18
CA ASP A 15 -3.05 -12.69 -6.76
C ASP A 15 -3.25 -13.68 -7.93
N LYS A 16 -2.79 -13.32 -9.15
CA LYS A 16 -2.89 -14.18 -10.36
C LYS A 16 -1.61 -15.02 -10.55
N GLY A 17 -1.63 -15.94 -11.52
CA GLY A 17 -0.57 -16.93 -11.70
C GLY A 17 0.60 -16.37 -12.48
N TYR A 18 1.33 -15.39 -11.93
CA TYR A 18 2.42 -14.66 -12.65
C TYR A 18 3.59 -15.62 -12.93
N ASN A 19 3.86 -16.59 -12.06
CA ASN A 19 4.98 -17.55 -12.25
C ASN A 19 4.67 -18.51 -13.42
N GLY A 20 3.41 -18.94 -13.53
CA GLY A 20 2.88 -19.65 -14.72
C GLY A 20 3.02 -18.82 -15.98
N LEU A 21 2.70 -17.52 -15.92
CA LEU A 21 2.77 -16.59 -17.08
C LEU A 21 4.23 -16.37 -17.49
N ALA A 22 5.17 -16.40 -16.54
CA ALA A 22 6.62 -16.27 -16.78
C ALA A 22 7.18 -17.54 -17.45
N GLU A 23 6.63 -18.73 -17.13
CA GLU A 23 6.96 -20.02 -17.81
C GLU A 23 6.61 -19.94 -19.30
N VAL A 24 5.46 -19.33 -19.64
CA VAL A 24 5.05 -19.02 -21.05
C VAL A 24 6.09 -18.08 -21.66
N GLY A 25 6.53 -17.06 -20.90
CA GLY A 25 7.62 -16.15 -21.28
C GLY A 25 8.89 -16.89 -21.67
N LYS A 26 9.27 -17.91 -20.88
CA LYS A 26 10.48 -18.76 -21.11
C LYS A 26 10.36 -19.47 -22.46
N LYS A 27 9.21 -20.10 -22.74
CA LYS A 27 8.88 -20.78 -24.03
C LYS A 27 9.04 -19.80 -25.19
N PHE A 28 8.42 -18.61 -25.11
CA PHE A 28 8.49 -17.52 -26.13
C PHE A 28 9.94 -17.09 -26.41
N GLU A 29 10.75 -16.90 -25.35
CA GLU A 29 12.20 -16.56 -25.44
C GLU A 29 12.97 -17.74 -26.08
N LYS A 30 12.57 -19.00 -25.81
CA LYS A 30 13.11 -20.20 -26.50
C LYS A 30 12.85 -20.06 -28.01
N ASP A 31 11.62 -19.73 -28.41
CA ASP A 31 11.19 -19.71 -29.85
C ASP A 31 11.67 -18.42 -30.53
N THR A 32 11.10 -17.26 -30.18
CA THR A 32 11.32 -15.99 -30.92
C THR A 32 12.62 -15.32 -30.49
N GLY A 33 13.18 -15.71 -29.33
CA GLY A 33 14.43 -15.13 -28.77
C GLY A 33 14.18 -13.89 -27.92
N ILE A 34 12.94 -13.39 -27.89
CA ILE A 34 12.52 -12.08 -27.31
C ILE A 34 12.37 -12.21 -25.78
N LYS A 35 13.09 -11.38 -25.00
CA LYS A 35 13.13 -11.45 -23.51
C LYS A 35 11.78 -11.03 -22.92
N VAL A 36 11.22 -11.82 -22.00
CA VAL A 36 9.87 -11.60 -21.42
C VAL A 36 10.03 -11.36 -19.91
N THR A 37 9.69 -10.14 -19.48
CA THR A 37 9.72 -9.67 -18.08
C THR A 37 8.29 -9.62 -17.55
N VAL A 38 7.94 -10.53 -16.62
CA VAL A 38 6.63 -10.55 -15.92
C VAL A 38 6.82 -9.99 -14.51
N GLU A 39 6.24 -8.81 -14.23
CA GLU A 39 6.28 -8.11 -12.92
C GLU A 39 4.86 -8.08 -12.33
N HIS A 40 4.78 -8.02 -11.00
CA HIS A 40 3.53 -7.88 -10.23
C HIS A 40 3.66 -6.70 -9.27
N PRO A 41 3.64 -5.46 -9.80
CA PRO A 41 3.74 -4.26 -8.99
C PRO A 41 2.52 -4.08 -8.08
N ASP A 42 2.69 -3.47 -6.91
CA ASP A 42 1.53 -3.11 -6.05
C ASP A 42 0.82 -1.92 -6.71
N LYS A 43 -0.50 -1.81 -6.59
CA LYS A 43 -1.30 -0.66 -7.08
C LYS A 43 -1.02 -0.43 -8.57
N LEU A 44 -0.82 -1.50 -9.36
CA LEU A 44 -0.43 -1.41 -10.81
C LEU A 44 -1.56 -0.79 -11.64
N GLU A 45 -2.81 -1.01 -11.25
CA GLU A 45 -4.00 -0.47 -11.94
C GLU A 45 -4.03 1.07 -11.81
N GLU A 46 -3.41 1.61 -10.75
CA GLU A 46 -3.27 3.07 -10.52
C GLU A 46 -2.00 3.58 -11.18
N LYS A 47 -0.94 2.78 -11.18
CA LYS A 47 0.39 3.15 -11.73
C LYS A 47 0.29 3.27 -13.25
N PHE A 48 -0.30 2.26 -13.91
CA PHE A 48 -0.32 2.13 -15.39
C PHE A 48 -0.81 3.42 -16.04
N PRO A 49 -2.02 3.93 -15.70
CA PRO A 49 -2.56 5.13 -16.35
C PRO A 49 -1.64 6.34 -16.19
N GLN A 50 -0.94 6.44 -15.05
CA GLN A 50 0.03 7.53 -14.76
C GLN A 50 1.19 7.42 -15.76
N VAL A 51 1.92 6.30 -15.74
CA VAL A 51 3.19 6.10 -16.51
C VAL A 51 2.87 6.07 -18.01
N ALA A 52 1.81 5.39 -18.42
CA ALA A 52 1.48 5.14 -19.85
C ALA A 52 1.24 6.49 -20.55
N ALA A 53 0.59 7.45 -19.86
CA ALA A 53 0.27 8.81 -20.37
C ALA A 53 1.55 9.61 -20.66
N THR A 54 2.64 9.34 -19.91
CA THR A 54 4.00 9.93 -20.06
C THR A 54 4.84 9.05 -21.00
N GLY A 55 4.20 8.07 -21.68
CA GLY A 55 4.82 7.23 -22.72
C GLY A 55 5.64 6.06 -22.18
N ASP A 56 5.81 5.93 -20.85
CA ASP A 56 6.54 4.81 -20.20
C ASP A 56 5.54 3.69 -19.86
N GLY A 57 5.92 2.74 -19.00
CA GLY A 57 5.06 1.64 -18.51
C GLY A 57 5.37 0.29 -19.15
N PRO A 58 4.53 -0.74 -18.91
CA PRO A 58 4.76 -2.07 -19.45
C PRO A 58 4.24 -2.18 -20.90
N ASP A 59 4.72 -3.19 -21.63
CA ASP A 59 4.23 -3.50 -22.99
C ASP A 59 2.77 -3.96 -22.84
N ILE A 60 2.53 -4.87 -21.89
CA ILE A 60 1.22 -5.54 -21.64
C ILE A 60 0.79 -5.35 -20.18
N ILE A 61 -0.47 -4.96 -19.98
CA ILE A 61 -1.13 -4.75 -18.65
C ILE A 61 -2.26 -5.78 -18.50
N PHE A 62 -2.23 -6.57 -17.41
CA PHE A 62 -3.28 -7.55 -17.06
C PHE A 62 -4.10 -6.96 -15.91
N TRP A 63 -5.42 -6.80 -16.10
CA TRP A 63 -6.41 -6.51 -15.02
C TRP A 63 -7.79 -7.03 -15.45
N ALA A 64 -8.78 -7.00 -14.56
CA ALA A 64 -10.19 -7.28 -14.93
C ALA A 64 -10.68 -6.19 -15.90
N HIS A 65 -11.61 -6.53 -16.79
CA HIS A 65 -12.09 -5.70 -17.95
C HIS A 65 -12.62 -4.34 -17.48
N ASP A 66 -12.98 -4.22 -16.20
CA ASP A 66 -13.66 -3.02 -15.63
C ASP A 66 -12.71 -1.81 -15.69
N ARG A 67 -11.40 -2.02 -15.63
CA ARG A 67 -10.41 -0.91 -15.59
C ARG A 67 -10.09 -0.37 -16.98
N PHE A 68 -10.30 -1.17 -18.01
CA PHE A 68 -9.72 -0.93 -19.36
CA PHE A 68 -9.71 -0.94 -19.37
C PHE A 68 -10.50 0.17 -20.09
N GLY A 69 -11.77 0.38 -19.74
CA GLY A 69 -12.59 1.48 -20.30
C GLY A 69 -11.94 2.83 -20.06
N GLY A 70 -11.57 3.11 -18.81
CA GLY A 70 -10.87 4.35 -18.41
C GLY A 70 -9.56 4.52 -19.18
N TYR A 71 -8.79 3.43 -19.34
CA TYR A 71 -7.47 3.43 -20.02
C TYR A 71 -7.63 3.80 -21.49
N ALA A 72 -8.57 3.15 -22.17
CA ALA A 72 -8.87 3.34 -23.61
C ALA A 72 -9.39 4.76 -23.84
N GLN A 73 -10.25 5.27 -22.95
CA GLN A 73 -10.76 6.66 -23.01
C GLN A 73 -9.57 7.61 -23.06
N SER A 74 -8.53 7.35 -22.27
CA SER A 74 -7.32 8.20 -22.14
C SER A 74 -6.30 7.90 -23.25
N GLY A 75 -6.62 6.97 -24.16
CA GLY A 75 -5.83 6.65 -25.36
C GLY A 75 -4.59 5.85 -25.04
N LEU A 76 -4.56 5.18 -23.87
CA LEU A 76 -3.36 4.50 -23.32
C LEU A 76 -3.29 3.04 -23.78
N LEU A 77 -4.28 2.58 -24.57
CA LEU A 77 -4.38 1.19 -25.08
C LEU A 77 -4.36 1.18 -26.61
N ALA A 78 -3.58 0.26 -27.19
CA ALA A 78 -3.58 -0.07 -28.63
C ALA A 78 -4.86 -0.82 -28.98
N GLU A 79 -5.59 -0.38 -30.01
CA GLU A 79 -6.76 -1.09 -30.58
C GLU A 79 -6.29 -2.45 -31.09
N ILE A 80 -6.78 -3.55 -30.52
CA ILE A 80 -6.37 -4.93 -30.91
C ILE A 80 -7.14 -5.28 -32.19
N THR A 81 -6.50 -6.04 -33.09
CA THR A 81 -6.97 -6.32 -34.47
C THR A 81 -6.85 -7.82 -34.75
N PRO A 82 -7.70 -8.66 -34.11
CA PRO A 82 -7.65 -10.11 -34.33
C PRO A 82 -8.40 -10.60 -35.58
N ASP A 83 -7.94 -11.71 -36.16
CA ASP A 83 -8.67 -12.54 -37.15
C ASP A 83 -10.04 -12.94 -36.60
N LYS A 84 -11.04 -13.07 -37.48
CA LYS A 84 -12.38 -13.59 -37.11
C LYS A 84 -12.23 -15.04 -36.62
N ALA A 85 -11.27 -15.80 -37.18
CA ALA A 85 -10.87 -17.15 -36.74
C ALA A 85 -10.62 -17.13 -35.22
N PHE A 86 -9.74 -16.20 -34.79
CA PHE A 86 -9.29 -16.06 -33.37
C PHE A 86 -10.50 -15.67 -32.50
N GLN A 87 -11.32 -14.74 -32.97
CA GLN A 87 -12.53 -14.31 -32.24
C GLN A 87 -13.48 -15.49 -32.06
N ASP A 88 -13.55 -16.37 -33.05
CA ASP A 88 -14.43 -17.58 -33.04
C ASP A 88 -13.82 -18.63 -32.10
N LYS A 89 -12.51 -18.57 -31.85
CA LYS A 89 -11.80 -19.45 -30.87
C LYS A 89 -12.20 -19.11 -29.43
N LEU A 90 -12.63 -17.88 -29.14
CA LEU A 90 -13.03 -17.42 -27.78
C LEU A 90 -14.56 -17.19 -27.69
N TYR A 91 -15.09 -17.16 -26.47
CA TYR A 91 -16.54 -16.96 -26.21
C TYR A 91 -16.94 -15.54 -26.58
N PRO A 92 -18.12 -15.34 -27.22
CA PRO A 92 -18.58 -13.99 -27.56
C PRO A 92 -18.75 -13.07 -26.34
N PHE A 93 -19.22 -13.61 -25.19
CA PHE A 93 -19.48 -12.83 -23.96
C PHE A 93 -18.16 -12.22 -23.48
N THR A 94 -17.01 -12.87 -23.73
CA THR A 94 -15.68 -12.38 -23.29
C THR A 94 -15.29 -11.17 -24.14
N TRP A 95 -15.66 -11.15 -25.42
CA TRP A 95 -15.30 -10.05 -26.34
C TRP A 95 -16.13 -8.81 -26.00
N ASP A 96 -17.40 -9.00 -25.66
CA ASP A 96 -18.34 -7.87 -25.35
C ASP A 96 -17.83 -7.13 -24.11
N ALA A 97 -17.21 -7.87 -23.18
CA ALA A 97 -16.60 -7.36 -21.93
C ALA A 97 -15.43 -6.42 -22.24
N VAL A 98 -14.67 -6.79 -23.26
CA VAL A 98 -13.40 -6.10 -23.64
C VAL A 98 -13.71 -4.90 -24.56
N ARG A 99 -14.91 -4.80 -25.10
CA ARG A 99 -15.26 -3.80 -26.16
C ARG A 99 -15.66 -2.44 -25.54
N TYR A 100 -15.00 -1.34 -25.94
CA TYR A 100 -15.32 0.06 -25.52
C TYR A 100 -15.42 0.97 -26.76
N ASN A 101 -16.54 1.71 -26.88
CA ASN A 101 -16.86 2.61 -28.02
C ASN A 101 -16.77 1.84 -29.34
N GLY A 102 -17.18 0.58 -29.36
CA GLY A 102 -17.14 -0.31 -30.54
C GLY A 102 -15.71 -0.67 -30.95
N LYS A 103 -14.74 -0.57 -30.03
CA LYS A 103 -13.31 -0.96 -30.25
C LYS A 103 -12.92 -2.03 -29.24
N LEU A 104 -12.31 -3.13 -29.70
CA LEU A 104 -11.68 -4.15 -28.83
C LEU A 104 -10.34 -3.59 -28.33
N ILE A 105 -10.20 -3.42 -27.02
CA ILE A 105 -9.09 -2.63 -26.39
C ILE A 105 -8.13 -3.59 -25.66
N ALA A 106 -8.50 -4.86 -25.48
CA ALA A 106 -7.65 -5.87 -24.81
C ALA A 106 -8.11 -7.30 -25.18
N TYR A 107 -7.30 -8.30 -24.82
CA TYR A 107 -7.52 -9.74 -25.09
C TYR A 107 -8.15 -10.38 -23.87
N PRO A 108 -9.38 -10.95 -23.98
CA PRO A 108 -10.00 -11.64 -22.85
C PRO A 108 -9.34 -12.99 -22.58
N ILE A 109 -9.09 -13.29 -21.31
CA ILE A 109 -8.37 -14.51 -20.83
C ILE A 109 -9.35 -15.47 -20.16
N ALA A 110 -9.97 -15.06 -19.04
CA ALA A 110 -10.77 -15.95 -18.18
C ALA A 110 -11.89 -15.18 -17.45
N VAL A 111 -12.98 -15.85 -17.16
CA VAL A 111 -14.17 -15.29 -16.45
C VAL A 111 -14.06 -15.66 -14.97
N GLU A 112 -14.13 -14.65 -14.10
CA GLU A 112 -13.93 -14.75 -12.64
C GLU A 112 -15.24 -14.40 -11.92
N ALA A 113 -15.60 -15.15 -10.88
CA ALA A 113 -16.68 -14.83 -9.94
C ALA A 113 -16.37 -15.43 -8.57
N LEU A 114 -16.79 -14.70 -7.55
CA LEU A 114 -16.72 -15.13 -6.14
C LEU A 114 -17.72 -16.29 -5.99
N SER A 115 -17.30 -17.32 -5.26
CA SER A 115 -18.15 -18.45 -4.81
C SER A 115 -17.98 -18.62 -3.29
N LEU A 116 -18.93 -19.33 -2.66
CA LEU A 116 -18.82 -19.67 -1.22
C LEU A 116 -17.84 -20.85 -1.10
N ILE A 117 -16.69 -20.63 -0.48
CA ILE A 117 -15.72 -21.71 -0.14
C ILE A 117 -15.92 -22.13 1.32
N TYR A 118 -16.10 -23.44 1.55
CA TYR A 118 -16.45 -24.01 2.87
C TYR A 118 -15.56 -25.20 3.20
N ASN A 119 -15.29 -25.37 4.50
CA ASN A 119 -14.57 -26.54 5.08
C ASN A 119 -15.57 -27.68 5.15
N LYS A 120 -15.38 -28.74 4.35
CA LYS A 120 -16.34 -29.88 4.23
C LYS A 120 -16.42 -30.59 5.58
N ASP A 121 -15.30 -30.67 6.29
CA ASP A 121 -15.16 -31.45 7.55
C ASP A 121 -15.92 -30.69 8.66
N LEU A 122 -15.73 -29.37 8.74
CA LEU A 122 -16.41 -28.51 9.76
C LEU A 122 -17.88 -28.30 9.37
N LEU A 123 -18.19 -28.24 8.07
CA LEU A 123 -19.51 -27.86 7.52
C LEU A 123 -19.83 -28.75 6.32
N PRO A 124 -20.29 -30.01 6.54
CA PRO A 124 -20.68 -30.89 5.43
C PRO A 124 -21.73 -30.25 4.51
N ASN A 125 -22.71 -29.55 5.08
CA ASN A 125 -23.83 -28.90 4.34
C ASN A 125 -23.84 -27.39 4.63
N PRO A 126 -23.20 -26.55 3.77
CA PRO A 126 -23.12 -25.12 4.03
C PRO A 126 -24.49 -24.49 3.88
N PRO A 127 -24.73 -23.34 4.55
CA PRO A 127 -26.04 -22.70 4.55
C PRO A 127 -26.38 -22.14 3.15
N LYS A 128 -27.66 -22.19 2.80
CA LYS A 128 -28.22 -21.69 1.51
C LYS A 128 -28.51 -20.18 1.66
N THR A 129 -28.68 -19.67 2.88
CA THR A 129 -29.08 -18.25 3.15
C THR A 129 -28.06 -17.56 4.06
N TRP A 130 -27.82 -16.27 3.80
CA TRP A 130 -27.13 -15.28 4.66
C TRP A 130 -27.77 -15.26 6.05
N GLU A 131 -29.10 -15.33 6.11
CA GLU A 131 -29.87 -15.01 7.34
C GLU A 131 -29.63 -16.06 8.42
N GLU A 132 -29.12 -17.25 8.06
CA GLU A 132 -28.93 -18.37 9.03
C GLU A 132 -27.47 -18.45 9.49
N ILE A 133 -26.61 -17.53 9.05
CA ILE A 133 -25.15 -17.58 9.39
C ILE A 133 -24.94 -17.16 10.86
N PRO A 134 -25.65 -16.15 11.40
CA PRO A 134 -25.50 -15.78 12.81
C PRO A 134 -25.79 -16.94 13.79
N ALA A 135 -26.79 -17.76 13.52
CA ALA A 135 -27.14 -18.98 14.30
C ALA A 135 -26.00 -20.01 14.18
N LEU A 136 -25.43 -20.15 12.98
CA LEU A 136 -24.33 -21.09 12.68
C LEU A 136 -23.07 -20.68 13.45
N ASP A 137 -22.81 -19.38 13.56
CA ASP A 137 -21.60 -18.82 14.24
C ASP A 137 -21.68 -19.13 15.74
N LYS A 138 -22.87 -19.00 16.34
CA LYS A 138 -23.14 -19.35 17.76
C LYS A 138 -22.68 -20.78 18.01
N GLU A 139 -23.10 -21.70 17.13
CA GLU A 139 -22.79 -23.16 17.21
C GLU A 139 -21.29 -23.38 17.07
N LEU A 140 -20.65 -22.79 16.06
CA LEU A 140 -19.22 -23.00 15.73
C LEU A 140 -18.32 -22.29 16.75
N LYS A 141 -18.76 -21.17 17.33
CA LYS A 141 -17.98 -20.38 18.32
C LYS A 141 -17.74 -21.23 19.58
N ALA A 142 -18.67 -22.11 19.93
CA ALA A 142 -18.59 -23.03 21.11
C ALA A 142 -17.43 -24.02 20.92
N LYS A 143 -17.07 -24.31 19.67
CA LYS A 143 -15.96 -25.20 19.27
C LYS A 143 -14.68 -24.39 19.02
N GLY A 144 -14.67 -23.10 19.38
CA GLY A 144 -13.55 -22.16 19.18
C GLY A 144 -13.29 -21.88 17.71
N LYS A 145 -14.34 -21.91 16.89
CA LYS A 145 -14.32 -21.67 15.42
C LYS A 145 -15.25 -20.50 15.08
N SER A 146 -15.42 -20.19 13.80
CA SER A 146 -16.30 -19.12 13.27
C SER A 146 -16.95 -19.63 11.99
N ALA A 147 -18.15 -19.12 11.66
CA ALA A 147 -18.92 -19.57 10.48
C ALA A 147 -18.29 -19.02 9.20
N LEU A 148 -17.99 -17.71 9.15
CA LEU A 148 -17.65 -17.00 7.89
C LEU A 148 -16.60 -15.90 8.14
N MET A 149 -15.55 -15.89 7.30
CA MET A 149 -14.52 -14.82 7.26
C MET A 149 -14.11 -14.55 5.81
N PHE A 150 -14.29 -13.30 5.34
CA PHE A 150 -13.82 -12.83 4.02
C PHE A 150 -13.30 -11.39 4.10
N ASN A 151 -12.74 -10.92 3.00
CA ASN A 151 -12.15 -9.57 2.86
C ASN A 151 -13.28 -8.52 2.89
N LEU A 152 -13.44 -7.84 4.04
CA LEU A 152 -14.38 -6.71 4.23
C LEU A 152 -13.73 -5.41 3.74
N GLN A 153 -12.41 -5.40 3.54
CA GLN A 153 -11.62 -4.20 3.13
C GLN A 153 -11.78 -3.88 1.64
N GLU A 154 -12.26 -4.83 0.82
CA GLU A 154 -12.46 -4.61 -0.64
C GLU A 154 -13.94 -4.73 -0.97
N PRO A 155 -14.48 -3.78 -1.76
CA PRO A 155 -15.90 -3.81 -2.09
C PRO A 155 -16.28 -4.92 -3.07
N TYR A 156 -15.29 -5.55 -3.72
CA TYR A 156 -15.53 -6.70 -4.62
C TYR A 156 -16.25 -7.83 -3.85
N PHE A 157 -15.91 -8.03 -2.58
CA PHE A 157 -16.33 -9.20 -1.76
C PHE A 157 -17.64 -8.90 -1.02
N THR A 158 -17.87 -7.63 -0.73
CA THR A 158 -19.06 -7.15 0.03
C THR A 158 -20.23 -6.97 -0.94
N TRP A 159 -19.97 -6.85 -2.23
CA TRP A 159 -20.97 -6.39 -3.24
C TRP A 159 -22.05 -7.45 -3.50
N PRO A 160 -21.72 -8.76 -3.60
CA PRO A 160 -22.73 -9.81 -3.75
C PRO A 160 -23.98 -9.61 -2.88
N LEU A 161 -23.76 -9.34 -1.59
CA LEU A 161 -24.78 -9.14 -0.54
C LEU A 161 -25.51 -7.80 -0.75
N ILE A 162 -24.77 -6.75 -1.14
CA ILE A 162 -25.32 -5.39 -1.37
C ILE A 162 -26.27 -5.44 -2.58
N ALA A 163 -25.87 -6.14 -3.65
CA ALA A 163 -26.61 -6.19 -4.93
C ALA A 163 -27.83 -7.13 -4.84
N ALA A 164 -27.91 -7.96 -3.78
CA ALA A 164 -28.90 -9.05 -3.65
C ALA A 164 -30.33 -8.50 -3.65
N ASP A 165 -30.71 -7.74 -2.62
CA ASP A 165 -32.10 -7.22 -2.46
C ASP A 165 -32.36 -6.03 -3.41
N GLY A 166 -31.33 -5.42 -3.98
CA GLY A 166 -31.48 -4.25 -4.85
C GLY A 166 -30.22 -3.41 -4.83
N GLY A 167 -29.47 -3.42 -5.92
CA GLY A 167 -28.13 -2.82 -5.95
C GLY A 167 -27.52 -3.02 -7.31
N TYR A 168 -27.07 -1.92 -7.91
CA TYR A 168 -26.44 -1.90 -9.24
C TYR A 168 -25.47 -0.73 -9.19
N ALA A 169 -24.46 -0.74 -10.05
CA ALA A 169 -23.48 0.36 -10.21
C ALA A 169 -24.11 1.39 -11.13
N PHE A 170 -24.40 0.99 -12.36
CA PHE A 170 -24.99 1.83 -13.44
C PHE A 170 -25.89 0.91 -14.29
N LYS A 171 -27.15 1.31 -14.51
CA LYS A 171 -28.20 0.44 -15.14
C LYS A 171 -27.93 0.34 -16.64
N TYR A 172 -28.11 -0.83 -17.26
CA TYR A 172 -27.79 -1.04 -18.69
C TYR A 172 -28.93 -0.51 -19.58
N ALA A 173 -28.59 0.34 -20.55
CA ALA A 173 -29.47 0.89 -21.62
C ALA A 173 -28.63 1.37 -22.81
N TYR A 177 -24.76 1.86 -20.95
CA TYR A 177 -25.02 2.04 -19.50
C TYR A 177 -25.49 3.47 -19.20
N ASP A 178 -26.68 3.61 -18.60
CA ASP A 178 -27.21 4.87 -18.00
C ASP A 178 -26.29 5.28 -16.85
N ILE A 179 -25.37 6.23 -17.08
CA ILE A 179 -24.38 6.70 -16.05
C ILE A 179 -25.08 7.63 -15.06
N LYS A 180 -26.33 8.04 -15.37
CA LYS A 180 -27.23 8.84 -14.49
C LYS A 180 -27.82 7.93 -13.40
N ASP A 181 -28.24 6.71 -13.77
CA ASP A 181 -28.91 5.74 -12.85
C ASP A 181 -27.85 4.92 -12.11
N VAL A 182 -27.63 5.25 -10.85
CA VAL A 182 -26.67 4.58 -9.92
C VAL A 182 -27.48 4.04 -8.74
N GLY A 183 -27.17 2.80 -8.30
CA GLY A 183 -27.99 2.08 -7.30
C GLY A 183 -27.20 1.68 -6.08
N VAL A 184 -26.66 2.67 -5.38
CA VAL A 184 -25.77 2.45 -4.21
C VAL A 184 -26.49 2.87 -2.94
N ASP A 185 -27.37 3.87 -2.98
CA ASP A 185 -28.06 4.39 -1.76
C ASP A 185 -29.52 3.91 -1.69
N ASN A 186 -29.98 3.02 -2.59
CA ASN A 186 -31.36 2.43 -2.56
C ASN A 186 -31.52 1.47 -1.37
N ALA A 187 -32.76 1.07 -1.06
CA ALA A 187 -33.14 0.35 0.18
C ALA A 187 -32.64 -1.12 0.17
N GLY A 188 -32.40 -1.69 -1.01
CA GLY A 188 -31.86 -3.06 -1.15
C GLY A 188 -30.38 -3.12 -0.79
N ALA A 189 -29.61 -2.14 -1.25
CA ALA A 189 -28.20 -1.94 -0.85
C ALA A 189 -28.14 -1.69 0.65
N LYS A 190 -29.07 -0.87 1.17
CA LYS A 190 -29.10 -0.50 2.60
C LYS A 190 -29.25 -1.79 3.42
N ALA A 191 -30.17 -2.66 3.01
CA ALA A 191 -30.48 -3.94 3.69
C ALA A 191 -29.24 -4.84 3.68
N GLY A 192 -28.66 -5.04 2.49
CA GLY A 192 -27.42 -5.80 2.28
C GLY A 192 -26.34 -5.35 3.25
N LEU A 193 -25.94 -4.08 3.19
CA LEU A 193 -24.84 -3.52 4.02
C LEU A 193 -25.25 -3.54 5.50
N THR A 194 -26.53 -3.30 5.82
CA THR A 194 -27.06 -3.33 7.22
C THR A 194 -26.91 -4.77 7.73
N PHE A 195 -27.10 -5.77 6.88
CA PHE A 195 -26.89 -7.18 7.28
C PHE A 195 -25.42 -7.41 7.63
N LEU A 196 -24.52 -6.88 6.80
CA LEU A 196 -23.05 -7.01 7.00
C LEU A 196 -22.67 -6.34 8.32
N VAL A 197 -23.15 -5.12 8.53
CA VAL A 197 -22.81 -4.33 9.74
C VAL A 197 -23.38 -5.03 10.98
N ASP A 198 -24.52 -5.72 10.85
CA ASP A 198 -25.15 -6.47 11.98
C ASP A 198 -24.26 -7.65 12.39
N LEU A 199 -23.76 -8.42 11.39
CA LEU A 199 -22.81 -9.54 11.62
C LEU A 199 -21.66 -9.03 12.48
N ILE A 200 -21.15 -7.82 12.18
CA ILE A 200 -19.95 -7.23 12.80
C ILE A 200 -20.29 -6.74 14.22
N LYS A 201 -21.45 -6.11 14.39
CA LYS A 201 -21.94 -5.59 15.71
C LYS A 201 -22.22 -6.76 16.66
N ASN A 202 -22.76 -7.87 16.12
CA ASN A 202 -23.09 -9.13 16.84
C ASN A 202 -21.86 -10.02 16.98
N LYS A 203 -20.67 -9.51 16.60
CA LYS A 203 -19.34 -10.16 16.72
C LYS A 203 -19.32 -11.52 15.97
N HIS A 204 -20.13 -11.67 14.92
CA HIS A 204 -20.08 -12.84 13.99
C HIS A 204 -18.94 -12.63 12.98
N MET A 205 -18.53 -11.37 12.80
CA MET A 205 -17.39 -10.93 11.94
C MET A 205 -16.73 -9.70 12.59
N ASN A 206 -15.56 -9.34 12.10
CA ASN A 206 -14.75 -8.19 12.59
C ASN A 206 -14.48 -7.25 11.41
N ALA A 207 -14.62 -5.94 11.64
CA ALA A 207 -14.44 -4.83 10.69
C ALA A 207 -13.09 -4.92 9.96
N ASP A 208 -12.06 -5.36 10.67
CA ASP A 208 -10.62 -5.26 10.30
C ASP A 208 -10.17 -6.49 9.50
N THR A 209 -11.04 -7.48 9.32
CA THR A 209 -10.77 -8.67 8.47
C THR A 209 -10.47 -8.22 7.03
N ASP A 210 -9.35 -8.67 6.47
CA ASP A 210 -8.87 -8.38 5.09
C ASP A 210 -8.65 -9.70 4.34
N TYR A 211 -7.95 -9.68 3.21
CA TYR A 211 -7.69 -10.88 2.37
C TYR A 211 -6.80 -11.83 3.16
N SER A 212 -5.69 -11.35 3.69
CA SER A 212 -4.68 -12.16 4.43
C SER A 212 -5.36 -12.87 5.60
N ILE A 213 -6.12 -12.13 6.41
CA ILE A 213 -6.67 -12.62 7.71
C ILE A 213 -7.68 -13.72 7.40
N ALA A 214 -8.50 -13.52 6.38
CA ALA A 214 -9.55 -14.47 5.95
C ALA A 214 -8.90 -15.74 5.37
N GLU A 215 -7.91 -15.60 4.48
CA GLU A 215 -7.18 -16.74 3.85
C GLU A 215 -6.50 -17.57 4.95
N ALA A 216 -5.82 -16.92 5.89
CA ALA A 216 -5.14 -17.51 7.06
C ALA A 216 -6.12 -18.38 7.85
N ALA A 217 -7.24 -17.80 8.26
CA ALA A 217 -8.26 -18.45 9.12
C ALA A 217 -8.81 -19.68 8.42
N PHE A 218 -9.13 -19.58 7.13
CA PHE A 218 -9.79 -20.68 6.38
C PHE A 218 -8.81 -21.84 6.22
N ASN A 219 -7.54 -21.53 5.91
CA ASN A 219 -6.47 -22.51 5.59
C ASN A 219 -5.93 -23.16 6.88
N LYS A 220 -6.02 -22.46 8.02
CA LYS A 220 -5.65 -22.94 9.37
C LYS A 220 -6.85 -23.65 10.03
N GLY A 221 -7.99 -23.71 9.33
CA GLY A 221 -9.20 -24.45 9.75
C GLY A 221 -10.03 -23.71 10.79
N GLU A 222 -9.76 -22.43 11.04
CA GLU A 222 -10.39 -21.67 12.16
C GLU A 222 -11.78 -21.15 11.78
N THR A 223 -12.08 -21.00 10.49
CA THR A 223 -13.41 -20.53 10.01
C THR A 223 -13.95 -21.57 9.04
N ALA A 224 -15.27 -21.70 8.98
CA ALA A 224 -15.99 -22.76 8.24
C ALA A 224 -16.21 -22.34 6.79
N MET A 225 -16.27 -21.04 6.53
CA MET A 225 -16.57 -20.47 5.18
C MET A 225 -15.67 -19.26 4.90
N THR A 226 -15.39 -19.04 3.62
CA THR A 226 -14.81 -17.79 3.06
C THR A 226 -15.47 -17.51 1.71
N ILE A 227 -15.39 -16.26 1.25
CA ILE A 227 -15.84 -15.83 -0.10
C ILE A 227 -14.58 -15.42 -0.84
N ASN A 228 -14.29 -16.10 -1.95
CA ASN A 228 -13.11 -15.80 -2.78
C ASN A 228 -13.34 -16.35 -4.19
N GLY A 229 -12.38 -16.09 -5.07
CA GLY A 229 -12.42 -16.45 -6.50
C GLY A 229 -11.45 -17.58 -6.79
N PRO A 230 -11.43 -18.04 -8.06
CA PRO A 230 -10.54 -19.12 -8.50
C PRO A 230 -9.06 -18.98 -8.10
N TRP A 231 -8.55 -17.74 -8.07
CA TRP A 231 -7.11 -17.47 -7.84
C TRP A 231 -6.66 -18.08 -6.51
N ALA A 232 -7.58 -18.20 -5.56
CA ALA A 232 -7.25 -18.55 -4.15
C ALA A 232 -7.13 -20.08 -3.98
N TRP A 233 -7.60 -20.88 -4.94
CA TRP A 233 -7.76 -22.36 -4.77
C TRP A 233 -6.40 -23.02 -4.49
N SER A 234 -5.32 -22.54 -5.13
CA SER A 234 -3.95 -23.10 -5.04
C SER A 234 -3.43 -23.08 -3.59
N ASN A 235 -3.66 -21.99 -2.87
CA ASN A 235 -3.15 -21.78 -1.49
C ASN A 235 -3.96 -22.61 -0.50
N ILE A 236 -5.24 -22.90 -0.81
CA ILE A 236 -6.11 -23.81 0.00
C ILE A 236 -5.71 -25.25 -0.34
N ASP A 237 -5.37 -25.51 -1.61
CA ASP A 237 -4.93 -26.84 -2.10
C ASP A 237 -3.69 -27.28 -1.29
N THR A 238 -2.78 -26.34 -1.00
CA THR A 238 -1.55 -26.57 -0.20
C THR A 238 -1.94 -26.79 1.27
N SER A 239 -2.98 -26.11 1.76
CA SER A 239 -3.36 -26.05 3.20
C SER A 239 -3.78 -27.42 3.71
N ALA A 240 -4.16 -28.34 2.83
CA ALA A 240 -4.70 -29.67 3.20
C ALA A 240 -5.86 -29.46 4.19
N VAL A 241 -6.83 -28.63 3.76
CA VAL A 241 -8.22 -28.51 4.34
C VAL A 241 -9.18 -29.07 3.28
N ASN A 242 -10.00 -30.06 3.60
CA ASN A 242 -11.00 -30.58 2.64
C ASN A 242 -12.01 -29.44 2.40
N TYR A 243 -11.97 -28.82 1.22
CA TYR A 243 -12.74 -27.60 0.89
C TYR A 243 -13.66 -27.89 -0.30
N GLY A 244 -14.85 -27.30 -0.26
CA GLY A 244 -15.84 -27.28 -1.36
C GLY A 244 -16.05 -25.86 -1.85
N VAL A 245 -16.48 -25.73 -3.10
CA VAL A 245 -16.82 -24.46 -3.80
C VAL A 245 -18.28 -24.57 -4.23
N THR A 246 -19.14 -23.61 -3.88
CA THR A 246 -20.61 -23.74 -4.02
C THR A 246 -21.27 -22.38 -4.32
N VAL A 247 -22.60 -22.38 -4.50
CA VAL A 247 -23.43 -21.15 -4.68
C VAL A 247 -23.26 -20.25 -3.44
N LEU A 248 -23.22 -18.93 -3.65
CA LEU A 248 -23.19 -17.95 -2.55
C LEU A 248 -24.55 -17.95 -1.88
N PRO A 249 -24.59 -17.67 -0.55
CA PRO A 249 -25.86 -17.62 0.18
C PRO A 249 -26.80 -16.59 -0.47
N THR A 250 -28.10 -16.91 -0.44
CA THR A 250 -29.21 -16.02 -0.86
C THR A 250 -29.46 -15.02 0.28
N PHE A 251 -29.79 -13.77 -0.05
CA PHE A 251 -30.26 -12.74 0.91
C PHE A 251 -31.69 -12.36 0.61
N LYS A 252 -32.54 -12.35 1.64
CA LYS A 252 -34.01 -12.14 1.53
C LYS A 252 -34.51 -12.94 0.32
N GLY A 253 -34.10 -14.21 0.19
CA GLY A 253 -34.63 -15.17 -0.80
C GLY A 253 -34.16 -14.88 -2.22
N GLN A 254 -33.46 -13.75 -2.38
CA GLN A 254 -32.84 -13.36 -3.68
C GLN A 254 -31.39 -13.86 -3.68
N PRO A 255 -30.86 -14.38 -4.81
CA PRO A 255 -29.48 -14.84 -4.87
C PRO A 255 -28.49 -13.67 -4.76
N SER A 256 -27.28 -13.97 -4.25
CA SER A 256 -26.14 -13.04 -4.17
C SER A 256 -25.67 -12.75 -5.59
N LYS A 257 -25.43 -11.47 -5.91
CA LYS A 257 -25.06 -11.01 -7.27
C LYS A 257 -23.63 -10.50 -7.23
N PRO A 258 -22.63 -11.39 -7.36
CA PRO A 258 -21.23 -10.97 -7.43
C PRO A 258 -20.94 -10.34 -8.79
N PHE A 259 -20.07 -9.35 -8.82
CA PHE A 259 -19.59 -8.72 -10.07
C PHE A 259 -18.74 -9.76 -10.80
N VAL A 260 -19.00 -9.96 -12.09
CA VAL A 260 -18.22 -10.91 -12.93
C VAL A 260 -17.07 -10.12 -13.56
N GLY A 261 -15.83 -10.51 -13.24
CA GLY A 261 -14.61 -9.93 -13.81
C GLY A 261 -14.09 -10.79 -14.94
N VAL A 262 -13.55 -10.18 -15.99
CA VAL A 262 -12.83 -10.90 -17.08
C VAL A 262 -11.38 -10.43 -17.05
N LEU A 263 -10.49 -11.30 -16.59
CA LEU A 263 -9.03 -11.07 -16.74
C LEU A 263 -8.82 -10.73 -18.20
N SER A 264 -8.25 -9.56 -18.47
CA SER A 264 -7.98 -9.04 -19.82
C SER A 264 -6.52 -8.61 -19.88
N ALA A 265 -5.90 -8.77 -21.05
CA ALA A 265 -4.53 -8.32 -21.39
C ALA A 265 -4.64 -7.21 -22.43
N GLY A 266 -4.17 -6.01 -22.10
CA GLY A 266 -4.15 -4.83 -22.98
C GLY A 266 -2.73 -4.50 -23.37
N ILE A 267 -2.56 -3.83 -24.50
CA ILE A 267 -1.20 -3.43 -24.98
C ILE A 267 -1.10 -1.90 -24.90
N ASN A 268 0.02 -1.42 -24.35
CA ASN A 268 0.32 0.01 -24.22
C ASN A 268 0.35 0.60 -25.63
N ALA A 269 -0.37 1.71 -25.84
CA ALA A 269 -0.35 2.47 -27.11
C ALA A 269 1.08 2.98 -27.36
N ALA A 270 1.91 3.05 -26.31
CA ALA A 270 3.29 3.60 -26.36
C ALA A 270 4.32 2.47 -26.52
N SER A 271 3.89 1.22 -26.74
CA SER A 271 4.80 0.05 -26.89
C SER A 271 5.27 -0.06 -28.34
N PRO A 272 6.60 -0.07 -28.61
CA PRO A 272 7.11 -0.30 -29.96
C PRO A 272 7.14 -1.79 -30.32
N ASN A 273 6.65 -2.65 -29.43
CA ASN A 273 6.67 -4.13 -29.59
C ASN A 273 5.21 -4.63 -29.70
N LYS A 274 4.29 -3.80 -30.19
CA LYS A 274 2.84 -4.12 -30.39
C LYS A 274 2.67 -5.43 -31.18
N GLU A 275 3.54 -5.68 -32.17
CA GLU A 275 3.56 -6.92 -32.98
C GLU A 275 3.86 -8.09 -32.06
N LEU A 276 5.01 -8.03 -31.37
CA LEU A 276 5.53 -9.07 -30.44
C LEU A 276 4.47 -9.39 -29.38
N ALA A 277 3.78 -8.37 -28.88
CA ALA A 277 2.73 -8.48 -27.85
C ALA A 277 1.60 -9.36 -28.36
N LYS A 278 1.06 -9.02 -29.53
CA LYS A 278 -0.07 -9.76 -30.18
C LYS A 278 0.29 -11.25 -30.26
N GLU A 279 1.52 -11.55 -30.70
CA GLU A 279 2.04 -12.92 -30.90
C GLU A 279 1.94 -13.69 -29.58
N PHE A 280 2.54 -13.13 -28.53
CA PHE A 280 2.61 -13.73 -27.17
C PHE A 280 1.21 -14.11 -26.71
N LEU A 281 0.28 -13.15 -26.75
CA LEU A 281 -1.10 -13.32 -26.21
C LEU A 281 -1.87 -14.31 -27.08
N GLU A 282 -1.83 -14.15 -28.41
CA GLU A 282 -2.69 -14.94 -29.35
C GLU A 282 -2.18 -16.38 -29.45
N ASN A 283 -0.89 -16.57 -29.75
CA ASN A 283 -0.34 -17.88 -30.19
C ASN A 283 0.38 -18.59 -29.05
N TYR A 284 0.68 -17.93 -27.92
CA TYR A 284 1.50 -18.54 -26.82
C TYR A 284 0.69 -18.66 -25.52
N LEU A 285 0.19 -17.56 -24.95
CA LEU A 285 -0.95 -17.55 -23.99
C LEU A 285 -2.19 -17.88 -24.83
N LEU A 286 -3.39 -17.94 -24.25
CA LEU A 286 -4.66 -18.24 -25.00
C LEU A 286 -4.42 -19.40 -25.97
N THR A 287 -3.58 -20.36 -25.59
CA THR A 287 -3.50 -21.74 -26.14
C THR A 287 -3.53 -22.74 -24.97
N ASP A 288 -4.14 -23.90 -25.18
CA ASP A 288 -4.39 -24.94 -24.14
C ASP A 288 -3.14 -25.08 -23.27
N GLU A 289 -1.99 -25.39 -23.89
CA GLU A 289 -0.68 -25.57 -23.19
C GLU A 289 -0.34 -24.30 -22.40
N GLY A 290 -0.58 -23.11 -22.98
CA GLY A 290 -0.25 -21.79 -22.39
C GLY A 290 -1.10 -21.44 -21.19
N LEU A 291 -2.42 -21.50 -21.31
CA LEU A 291 -3.40 -21.27 -20.21
C LEU A 291 -3.20 -22.29 -19.07
N GLU A 292 -2.79 -23.52 -19.40
CA GLU A 292 -2.56 -24.62 -18.42
C GLU A 292 -1.41 -24.25 -17.46
N ALA A 293 -0.38 -23.56 -17.95
CA ALA A 293 0.80 -23.11 -17.17
C ALA A 293 0.36 -22.12 -16.08
N VAL A 294 -0.41 -21.10 -16.47
CA VAL A 294 -0.94 -20.03 -15.57
C VAL A 294 -1.90 -20.65 -14.56
N ASN A 295 -2.85 -21.43 -15.05
CA ASN A 295 -3.91 -22.10 -14.25
C ASN A 295 -3.26 -23.05 -13.24
N LYS A 296 -2.15 -23.70 -13.60
CA LYS A 296 -1.42 -24.67 -12.74
C LYS A 296 -0.84 -23.91 -11.53
N ASP A 297 -0.35 -22.68 -11.74
CA ASP A 297 0.12 -21.78 -10.64
C ASP A 297 -1.10 -21.32 -9.81
N LYS A 298 -2.00 -20.56 -10.44
CA LYS A 298 -3.21 -19.99 -9.80
C LYS A 298 -4.37 -20.10 -10.80
N PRO A 299 -5.46 -20.82 -10.44
CA PRO A 299 -6.59 -21.04 -11.35
C PRO A 299 -7.29 -19.75 -11.82
N LEU A 300 -7.52 -19.67 -13.13
CA LEU A 300 -8.10 -18.48 -13.82
C LEU A 300 -9.63 -18.52 -13.74
N GLY A 301 -10.20 -19.69 -13.47
CA GLY A 301 -11.64 -19.97 -13.61
C GLY A 301 -11.94 -20.52 -14.98
N ALA A 302 -13.04 -20.05 -15.58
CA ALA A 302 -13.53 -20.50 -16.91
C ALA A 302 -12.87 -19.65 -17.99
N VAL A 303 -11.83 -20.17 -18.66
CA VAL A 303 -11.00 -19.39 -19.63
C VAL A 303 -11.85 -19.00 -20.85
N ALA A 304 -11.51 -17.89 -21.49
CA ALA A 304 -12.23 -17.32 -22.66
C ALA A 304 -12.07 -18.25 -23.86
N LEU A 305 -10.89 -18.86 -23.99
CA LEU A 305 -10.57 -19.90 -25.01
C LEU A 305 -11.55 -21.07 -24.84
N LYS A 306 -12.43 -21.30 -25.81
CA LYS A 306 -13.52 -22.31 -25.77
C LYS A 306 -12.93 -23.71 -25.58
N SER A 307 -11.75 -23.98 -26.14
CA SER A 307 -11.14 -25.33 -26.18
C SER A 307 -10.76 -25.76 -24.76
N TYR A 308 -9.94 -24.97 -24.06
CA TYR A 308 -9.38 -25.34 -22.73
C TYR A 308 -10.49 -25.19 -21.68
N GLU A 309 -11.51 -24.38 -21.95
CA GLU A 309 -12.72 -24.32 -21.10
C GLU A 309 -13.42 -25.67 -21.16
N GLU A 310 -13.61 -26.22 -22.37
CA GLU A 310 -14.23 -27.55 -22.63
C GLU A 310 -13.48 -28.62 -21.81
N GLU A 311 -12.15 -28.53 -21.74
CA GLU A 311 -11.27 -29.49 -21.00
C GLU A 311 -11.60 -29.39 -19.50
N LEU A 312 -11.64 -28.17 -18.95
CA LEU A 312 -11.68 -27.91 -17.49
C LEU A 312 -13.11 -27.76 -16.98
N ALA A 313 -14.10 -27.70 -17.87
CA ALA A 313 -15.54 -27.54 -17.52
C ALA A 313 -15.95 -28.50 -16.40
N LYS A 314 -15.31 -29.68 -16.33
CA LYS A 314 -15.68 -30.83 -15.46
C LYS A 314 -15.53 -30.43 -13.98
N ASP A 315 -14.59 -29.53 -13.67
CA ASP A 315 -14.26 -29.05 -12.30
C ASP A 315 -15.52 -28.56 -11.60
N PRO A 316 -15.95 -29.19 -10.47
CA PRO A 316 -17.08 -28.71 -9.68
C PRO A 316 -16.90 -27.25 -9.26
N ARG A 317 -15.63 -26.88 -9.01
CA ARG A 317 -15.18 -25.52 -8.62
C ARG A 317 -15.57 -24.51 -9.69
N ILE A 318 -15.22 -24.77 -10.95
CA ILE A 318 -15.51 -23.87 -12.11
C ILE A 318 -17.02 -23.84 -12.35
N ALA A 319 -17.69 -24.99 -12.20
CA ALA A 319 -19.13 -25.14 -12.41
C ALA A 319 -19.87 -24.16 -11.51
N ALA A 320 -19.44 -24.09 -10.24
CA ALA A 320 -20.00 -23.23 -9.16
C ALA A 320 -19.58 -21.76 -9.38
N THR A 321 -18.37 -21.52 -9.90
CA THR A 321 -17.93 -20.16 -10.28
C THR A 321 -18.89 -19.61 -11.34
N MET A 322 -19.20 -20.40 -12.37
CA MET A 322 -20.13 -20.02 -13.47
C MET A 322 -21.57 -19.96 -12.93
N GLU A 323 -21.88 -20.75 -11.90
CA GLU A 323 -23.26 -20.75 -11.32
C GLU A 323 -23.50 -19.39 -10.68
N ASN A 324 -22.51 -18.90 -9.91
CA ASN A 324 -22.59 -17.60 -9.20
C ASN A 324 -22.57 -16.46 -10.23
N ALA A 325 -21.89 -16.64 -11.37
CA ALA A 325 -21.83 -15.65 -12.47
C ALA A 325 -23.24 -15.44 -13.07
N GLN A 326 -23.94 -16.52 -13.40
CA GLN A 326 -25.34 -16.47 -13.93
C GLN A 326 -26.21 -15.62 -12.98
N LYS A 327 -26.05 -15.78 -11.66
CA LYS A 327 -26.80 -15.03 -10.61
C LYS A 327 -26.31 -13.58 -10.48
N GLY A 328 -25.03 -13.33 -10.72
CA GLY A 328 -24.43 -11.98 -10.68
C GLY A 328 -24.59 -11.23 -11.99
N GLU A 329 -23.94 -10.06 -12.10
CA GLU A 329 -23.96 -9.22 -13.32
C GLU A 329 -22.53 -8.81 -13.68
N ILE A 330 -22.22 -8.76 -14.97
CA ILE A 330 -20.88 -8.36 -15.49
C ILE A 330 -20.60 -6.90 -15.16
N MET A 331 -19.36 -6.59 -14.82
CA MET A 331 -18.92 -5.20 -14.50
C MET A 331 -18.98 -4.34 -15.75
N PRO A 332 -19.48 -3.09 -15.67
CA PRO A 332 -19.26 -2.12 -16.72
C PRO A 332 -17.76 -1.83 -16.87
N ASN A 333 -17.31 -1.48 -18.08
CA ASN A 333 -15.91 -1.03 -18.31
C ASN A 333 -15.89 0.49 -18.49
N ILE A 334 -17.04 1.18 -18.40
CA ILE A 334 -17.10 2.67 -18.52
C ILE A 334 -16.03 3.25 -17.60
N PRO A 335 -15.52 4.47 -17.87
CA PRO A 335 -14.31 4.95 -17.18
C PRO A 335 -14.53 5.25 -15.69
N GLN A 336 -15.77 5.55 -15.28
CA GLN A 336 -16.05 6.01 -13.89
C GLN A 336 -16.38 4.81 -13.00
N MET A 337 -16.18 3.58 -13.48
CA MET A 337 -16.23 2.37 -12.59
C MET A 337 -15.27 2.59 -11.43
N SER A 338 -14.09 3.13 -11.74
CA SER A 338 -13.00 3.49 -10.80
C SER A 338 -13.59 4.27 -9.61
N ALA A 339 -14.32 5.35 -9.90
CA ALA A 339 -14.86 6.26 -8.87
C ALA A 339 -15.92 5.52 -8.05
N PHE A 340 -16.77 4.74 -8.71
CA PHE A 340 -17.80 3.90 -8.05
C PHE A 340 -17.09 3.03 -7.01
N TRP A 341 -16.02 2.34 -7.44
CA TRP A 341 -15.27 1.36 -6.61
C TRP A 341 -14.69 2.09 -5.39
N TYR A 342 -13.97 3.19 -5.62
CA TYR A 342 -13.32 3.99 -4.54
C TYR A 342 -14.38 4.45 -3.52
N ALA A 343 -15.51 4.96 -4.03
CA ALA A 343 -16.63 5.50 -3.22
C ALA A 343 -17.19 4.39 -2.34
N VAL A 344 -17.55 3.26 -2.96
CA VAL A 344 -18.22 2.13 -2.26
C VAL A 344 -17.24 1.53 -1.26
N ARG A 345 -15.96 1.43 -1.61
CA ARG A 345 -14.90 0.92 -0.71
C ARG A 345 -15.01 1.65 0.62
N THR A 346 -15.07 2.99 0.58
CA THR A 346 -15.15 3.88 1.77
C THR A 346 -16.50 3.71 2.47
N ALA A 347 -17.59 3.70 1.71
CA ALA A 347 -18.93 3.44 2.27
C ALA A 347 -18.87 2.20 3.18
N VAL A 348 -18.45 1.06 2.61
CA VAL A 348 -18.43 -0.27 3.29
C VAL A 348 -17.58 -0.17 4.55
N ILE A 349 -16.35 0.36 4.41
CA ILE A 349 -15.36 0.43 5.52
C ILE A 349 -15.86 1.35 6.65
N ASN A 350 -16.48 2.48 6.30
CA ASN A 350 -16.99 3.47 7.29
C ASN A 350 -18.18 2.89 8.05
N ALA A 351 -19.07 2.16 7.36
CA ALA A 351 -20.23 1.49 7.99
C ALA A 351 -19.74 0.32 8.84
N ALA A 352 -18.82 -0.50 8.33
CA ALA A 352 -18.24 -1.66 9.04
C ALA A 352 -17.58 -1.20 10.35
N SER A 353 -16.95 -0.02 10.32
CA SER A 353 -16.21 0.59 11.46
C SER A 353 -17.18 1.36 12.36
N GLY A 354 -18.32 1.80 11.84
CA GLY A 354 -19.26 2.72 12.52
C GLY A 354 -18.81 4.18 12.46
N ARG A 355 -17.89 4.54 11.57
CA ARG A 355 -17.50 5.95 11.38
C ARG A 355 -18.68 6.71 10.76
N GLN A 356 -19.42 6.05 9.86
CA GLN A 356 -20.68 6.55 9.24
C GLN A 356 -21.80 5.53 9.47
N THR A 357 -23.06 5.98 9.57
CA THR A 357 -24.24 5.06 9.54
C THR A 357 -24.36 4.51 8.11
N VAL A 358 -25.07 3.39 7.91
CA VAL A 358 -25.25 2.79 6.55
C VAL A 358 -25.85 3.84 5.59
N ASP A 359 -26.81 4.63 6.09
CA ASP A 359 -27.55 5.65 5.29
C ASP A 359 -26.58 6.73 4.82
N GLU A 360 -25.87 7.36 5.76
CA GLU A 360 -24.82 8.39 5.51
C GLU A 360 -23.76 7.82 4.56
N ALA A 361 -23.28 6.61 4.84
CA ALA A 361 -22.15 5.98 4.11
C ALA A 361 -22.55 5.74 2.66
N LEU A 362 -23.69 5.10 2.43
CA LEU A 362 -24.18 4.73 1.08
C LEU A 362 -24.56 6.00 0.32
N LYS A 363 -25.10 7.01 1.01
CA LYS A 363 -25.55 8.30 0.42
C LYS A 363 -24.34 8.99 -0.22
N ASP A 364 -23.21 9.07 0.50
CA ASP A 364 -21.99 9.78 0.04
C ASP A 364 -21.35 9.01 -1.12
N ALA A 365 -21.46 7.68 -1.11
CA ALA A 365 -20.94 6.80 -2.18
C ALA A 365 -21.78 6.97 -3.45
N GLN A 366 -23.09 7.14 -3.29
CA GLN A 366 -24.02 7.49 -4.40
C GLN A 366 -23.59 8.83 -5.04
N THR A 367 -23.32 9.85 -4.23
CA THR A 367 -22.84 11.19 -4.66
C THR A 367 -21.53 11.02 -5.46
N GLY A 368 -20.56 10.26 -4.93
CA GLY A 368 -19.24 10.04 -5.56
C GLY A 368 -19.37 9.46 -6.96
N SER A 369 -20.22 8.44 -7.12
CA SER A 369 -20.43 7.65 -8.37
C SER A 369 -21.08 8.56 -9.42
N GLU A 370 -22.03 9.38 -8.97
CA GLU A 370 -22.83 10.26 -9.83
C GLU A 370 -22.04 11.52 -10.22
N LEU A 371 -20.97 11.85 -9.47
CA LEU A 371 -20.23 13.12 -9.64
C LEU A 371 -19.67 13.22 -11.06
N TYR A 372 -19.08 12.19 -11.64
CA TYR A 372 -18.48 12.28 -13.00
C TYR A 372 -19.54 12.78 -14.00
N ARG A 373 -20.63 12.01 -14.20
CA ARG A 373 -21.72 12.32 -15.18
C ARG A 373 -22.10 13.80 -15.05
N GLN A 374 -22.44 14.22 -13.82
CA GLN A 374 -23.00 15.56 -13.52
C GLN A 374 -21.95 16.65 -13.73
N SER A 375 -20.75 16.47 -13.18
CA SER A 375 -19.58 17.35 -13.45
C SER A 375 -19.43 17.56 -14.96
N LEU A 376 -19.35 16.47 -15.73
CA LEU A 376 -19.13 16.54 -17.20
C LEU A 376 -20.26 17.33 -17.84
N GLU A 377 -21.51 17.06 -17.43
CA GLU A 377 -22.74 17.71 -17.96
C GLU A 377 -22.60 19.22 -17.81
N ILE A 378 -22.36 19.67 -16.57
CA ILE A 378 -22.24 21.11 -16.20
C ILE A 378 -21.06 21.73 -16.98
N ILE A 379 -19.86 21.15 -16.83
CA ILE A 379 -18.61 21.72 -17.40
C ILE A 379 -18.73 21.77 -18.93
N SER A 380 -19.11 20.66 -19.54
CA SER A 380 -19.19 20.51 -21.01
C SER A 380 -20.21 21.51 -21.57
N ARG A 381 -21.37 21.67 -20.92
CA ARG A 381 -22.43 22.59 -21.41
C ARG A 381 -21.83 24.01 -21.41
N TYR A 382 -21.27 24.43 -20.27
CA TYR A 382 -20.64 25.76 -20.13
C TYR A 382 -19.63 25.95 -21.27
N LEU A 383 -18.74 24.98 -21.49
CA LEU A 383 -17.63 25.13 -22.46
C LEU A 383 -18.22 25.28 -23.87
N ARG A 384 -19.21 24.47 -24.26
CA ARG A 384 -19.80 24.51 -25.62
C ARG A 384 -20.60 25.81 -25.80
N GLU A 385 -21.31 26.23 -24.74
CA GLU A 385 -22.06 27.51 -24.72
C GLU A 385 -21.12 28.68 -25.01
N GLN A 386 -20.00 28.74 -24.27
CA GLN A 386 -19.03 29.86 -24.32
C GLN A 386 -18.41 29.95 -25.73
N ALA A 387 -17.99 28.81 -26.28
CA ALA A 387 -17.38 28.69 -27.63
C ALA A 387 -18.40 29.09 -28.71
N THR A 388 -19.61 28.51 -28.70
CA THR A 388 -20.66 28.78 -29.74
C THR A 388 -21.30 30.16 -29.50
N SER A 399 -32.00 20.27 -18.01
CA SER A 399 -32.54 19.01 -17.44
C SER A 399 -32.50 19.04 -15.90
N GLY A 400 -31.32 18.89 -15.28
CA GLY A 400 -31.15 18.70 -13.82
C GLY A 400 -31.33 20.00 -13.05
N ALA A 401 -31.98 19.95 -11.87
CA ALA A 401 -32.25 21.10 -10.97
C ALA A 401 -30.93 21.71 -10.50
N THR A 402 -30.04 20.85 -9.99
CA THR A 402 -28.69 21.21 -9.52
C THR A 402 -27.88 21.74 -10.71
N SER A 403 -27.88 20.99 -11.83
CA SER A 403 -27.20 21.34 -13.11
C SER A 403 -27.62 22.74 -13.57
N ARG A 404 -28.93 22.99 -13.65
CA ARG A 404 -29.52 24.26 -14.17
C ARG A 404 -28.98 25.41 -13.31
N LYS A 405 -29.06 25.28 -11.98
CA LYS A 405 -28.63 26.33 -11.02
C LYS A 405 -27.11 26.50 -11.09
N ALA A 406 -26.37 25.40 -11.26
CA ALA A 406 -24.88 25.36 -11.31
C ALA A 406 -24.41 26.07 -12.58
N LEU A 407 -24.96 25.68 -13.72
CA LEU A 407 -24.71 26.34 -15.02
C LEU A 407 -25.10 27.83 -14.93
N GLU A 408 -26.24 28.20 -14.32
CA GLU A 408 -26.65 29.62 -14.11
C GLU A 408 -25.53 30.34 -13.35
N THR A 409 -25.03 29.74 -12.27
CA THR A 409 -23.95 30.25 -11.40
C THR A 409 -22.64 30.33 -12.21
N LEU A 410 -22.32 29.26 -12.93
CA LEU A 410 -21.08 29.18 -13.73
C LEU A 410 -21.08 30.30 -14.77
N ARG A 411 -22.23 30.57 -15.40
CA ARG A 411 -22.40 31.67 -16.38
C ARG A 411 -21.97 33.00 -15.74
N ARG A 412 -22.60 33.40 -14.64
CA ARG A 412 -22.32 34.69 -13.94
C ARG A 412 -20.87 34.71 -13.50
N VAL A 413 -20.44 33.73 -12.71
CA VAL A 413 -19.10 33.75 -12.01
C VAL A 413 -17.98 33.55 -13.04
N GLY A 414 -18.10 32.54 -13.91
CA GLY A 414 -17.06 32.16 -14.89
C GLY A 414 -16.82 33.23 -15.94
N ASP A 415 -17.92 33.80 -16.48
CA ASP A 415 -17.87 34.95 -17.41
C ASP A 415 -17.14 36.09 -16.72
N GLY A 416 -17.32 36.21 -15.40
CA GLY A 416 -16.64 37.21 -14.55
C GLY A 416 -15.15 36.92 -14.40
N VAL A 417 -14.78 35.67 -14.11
CA VAL A 417 -13.35 35.30 -13.88
C VAL A 417 -12.60 35.49 -15.19
N GLN A 418 -13.20 35.09 -16.31
CA GLN A 418 -12.63 35.30 -17.67
C GLN A 418 -12.39 36.78 -17.94
N ARG A 419 -13.42 37.60 -17.71
CA ARG A 419 -13.37 39.07 -17.92
C ARG A 419 -12.22 39.66 -17.09
N ASN A 420 -12.09 39.29 -15.81
CA ASN A 420 -11.13 39.94 -14.88
C ASN A 420 -9.71 39.41 -15.11
N HIS A 421 -9.58 38.16 -15.58
CA HIS A 421 -8.27 37.48 -15.72
C HIS A 421 -7.87 37.38 -17.20
N GLU A 422 -8.46 38.18 -18.09
CA GLU A 422 -8.28 38.06 -19.57
C GLU A 422 -6.78 38.09 -19.91
N THR A 423 -6.05 39.06 -19.39
CA THR A 423 -4.63 39.31 -19.76
C THR A 423 -3.78 38.11 -19.32
N ALA A 424 -3.96 37.58 -18.12
CA ALA A 424 -3.23 36.38 -17.62
C ALA A 424 -3.62 35.14 -18.43
N PHE A 425 -4.90 35.00 -18.75
CA PHE A 425 -5.47 33.83 -19.49
C PHE A 425 -4.92 33.83 -20.93
N GLN A 426 -4.78 35.01 -21.54
CA GLN A 426 -4.23 35.19 -22.91
C GLN A 426 -2.75 34.78 -22.91
N GLY A 427 -1.96 35.29 -21.96
CA GLY A 427 -0.55 34.90 -21.75
C GLY A 427 -0.38 33.39 -21.73
N MET A 428 -1.24 32.66 -21.00
CA MET A 428 -1.13 31.19 -20.79
C MET A 428 -1.48 30.45 -22.08
N LEU A 429 -2.47 30.96 -22.83
CA LEU A 429 -2.96 30.34 -24.08
C LEU A 429 -1.85 30.40 -25.16
N ARG A 430 -1.18 31.55 -25.24
CA ARG A 430 0.05 31.84 -26.05
C ARG A 430 1.15 30.83 -25.72
N LYS A 431 1.38 30.57 -24.44
CA LYS A 431 2.48 29.68 -23.97
C LYS A 431 2.12 28.24 -24.29
N LEU A 432 0.84 27.84 -24.22
CA LEU A 432 0.38 26.49 -24.65
C LEU A 432 0.58 26.29 -26.16
N ASP A 433 0.59 27.37 -26.96
CA ASP A 433 0.87 27.37 -28.42
C ASP A 433 -0.20 26.55 -29.16
N ILE A 434 -1.44 26.64 -28.70
CA ILE A 434 -2.60 25.97 -29.36
C ILE A 434 -3.15 26.95 -30.39
N ASN A 436 -1.00 25.08 -33.45
CA ASN A 436 -2.30 25.77 -33.72
C ASN A 436 -3.33 24.78 -34.26
N GLU A 437 -3.40 23.55 -33.73
CA GLU A 437 -4.20 22.44 -34.31
C GLU A 437 -4.51 21.35 -33.28
N ASP A 438 -5.12 20.26 -33.78
CA ASP A 438 -5.66 19.10 -33.01
C ASP A 438 -4.52 18.27 -32.41
N ASP A 439 -3.41 18.07 -33.11
CA ASP A 439 -2.18 17.37 -32.61
C ASP A 439 -1.64 18.13 -31.40
N VAL A 440 -1.64 19.47 -31.46
CA VAL A 440 -1.14 20.35 -30.36
C VAL A 440 -2.12 20.23 -29.17
N LYS A 441 -3.42 20.08 -29.45
CA LYS A 441 -4.48 19.88 -28.41
C LYS A 441 -4.20 18.60 -27.60
N SER A 442 -3.69 17.53 -28.24
CA SER A 442 -3.51 16.19 -27.62
C SER A 442 -2.32 16.17 -26.63
N LEU A 443 -2.05 17.24 -25.87
CA LEU A 443 -1.19 17.21 -24.65
C LEU A 443 -1.99 17.81 -23.47
N SER A 444 -2.90 17.04 -22.90
CA SER A 444 -3.81 17.50 -21.81
C SER A 444 -3.38 16.85 -20.48
N ARG A 445 -2.14 16.37 -20.41
CA ARG A 445 -1.47 16.08 -19.11
C ARG A 445 -1.08 17.39 -18.41
N VAL A 446 -1.53 18.57 -18.90
CA VAL A 446 -1.36 19.90 -18.23
C VAL A 446 -2.17 19.94 -16.92
N MET A 447 -3.41 19.48 -16.98
CA MET A 447 -4.35 19.53 -15.83
C MET A 447 -3.92 18.56 -14.73
N ILE A 448 -3.15 17.52 -15.05
CA ILE A 448 -2.89 16.36 -14.12
C ILE A 448 -2.58 16.88 -12.71
N HIS A 449 -1.77 17.92 -12.59
CA HIS A 449 -1.17 18.34 -11.31
C HIS A 449 -1.79 19.64 -10.80
N VAL A 450 -3.03 19.99 -11.18
CA VAL A 450 -3.65 21.32 -10.86
C VAL A 450 -3.69 21.54 -9.35
N PHE A 451 -3.79 20.48 -8.55
CA PHE A 451 -3.92 20.58 -7.08
C PHE A 451 -2.67 20.00 -6.41
N SER A 452 -1.47 20.30 -6.95
CA SER A 452 -0.15 19.81 -6.49
C SER A 452 0.12 20.25 -5.04
N ASP A 453 -0.07 21.53 -4.74
CA ASP A 453 0.13 22.09 -3.37
C ASP A 453 -0.87 21.45 -2.39
N GLY A 454 -1.93 20.75 -2.86
CA GLY A 454 -2.83 19.92 -2.04
C GLY A 454 -4.11 20.62 -1.56
N VAL A 455 -4.33 21.87 -1.96
CA VAL A 455 -5.48 22.71 -1.49
C VAL A 455 -6.61 22.66 -2.53
N THR A 456 -7.85 22.63 -2.04
CA THR A 456 -9.11 22.59 -2.84
C THR A 456 -10.05 23.65 -2.27
N ASN A 457 -10.55 24.54 -3.12
CA ASN A 457 -11.66 25.47 -2.81
C ASN A 457 -12.42 25.77 -4.10
N TRP A 458 -13.65 26.26 -3.96
CA TRP A 458 -14.57 26.51 -5.10
C TRP A 458 -14.02 27.62 -6.01
N GLY A 459 -13.34 28.60 -5.45
CA GLY A 459 -12.60 29.62 -6.23
C GLY A 459 -11.75 28.97 -7.29
N ARG A 460 -10.86 28.09 -6.86
CA ARG A 460 -9.91 27.36 -7.73
C ARG A 460 -10.68 26.60 -8.82
N ILE A 461 -11.69 25.85 -8.43
CA ILE A 461 -12.47 24.95 -9.34
C ILE A 461 -13.17 25.80 -10.40
N VAL A 462 -13.69 26.95 -10.03
CA VAL A 462 -14.37 27.88 -10.99
C VAL A 462 -13.34 28.49 -11.94
N THR A 463 -12.21 28.95 -11.39
CA THR A 463 -11.08 29.52 -12.16
C THR A 463 -10.62 28.46 -13.19
N LEU A 464 -10.49 27.20 -12.77
CA LEU A 464 -10.05 26.11 -13.69
C LEU A 464 -11.07 26.00 -14.83
N ILE A 465 -12.35 25.92 -14.51
CA ILE A 465 -13.44 25.76 -15.51
C ILE A 465 -13.48 27.01 -16.40
N SER A 466 -13.28 28.20 -15.83
CA SER A 466 -13.27 29.52 -16.54
C SER A 466 -12.14 29.57 -17.55
N PHE A 467 -10.99 28.99 -17.23
CA PHE A 467 -9.86 28.87 -18.19
C PHE A 467 -10.19 27.79 -19.23
N GLY A 468 -10.84 26.70 -18.81
CA GLY A 468 -11.37 25.67 -19.72
C GLY A 468 -12.27 26.30 -20.77
N ALA A 469 -13.11 27.24 -20.35
CA ALA A 469 -14.03 27.98 -21.24
C ALA A 469 -13.20 28.82 -22.20
N PHE A 470 -12.15 29.48 -21.68
CA PHE A 470 -11.28 30.43 -22.43
C PHE A 470 -10.65 29.67 -23.60
N VAL A 471 -10.18 28.46 -23.32
CA VAL A 471 -9.52 27.54 -24.31
C VAL A 471 -10.59 27.02 -25.28
N ALA A 472 -11.78 26.67 -24.79
CA ALA A 472 -12.89 26.18 -25.65
C ALA A 472 -13.25 27.25 -26.69
N LYS A 473 -13.17 28.53 -26.33
CA LYS A 473 -13.44 29.67 -27.23
C LYS A 473 -12.35 29.71 -28.31
N HIS A 474 -11.10 29.45 -27.90
CA HIS A 474 -9.94 29.39 -28.83
C HIS A 474 -10.10 28.22 -29.79
N LEU A 475 -10.65 27.10 -29.31
CA LEU A 475 -10.84 25.87 -30.12
C LEU A 475 -11.83 26.15 -31.26
N LYS A 476 -12.90 26.90 -30.97
CA LYS A 476 -13.85 27.38 -32.01
C LYS A 476 -13.11 28.26 -33.03
N THR A 477 -12.30 29.22 -32.55
CA THR A 477 -11.45 30.13 -33.38
C THR A 477 -10.60 29.33 -34.36
N ILE A 478 -9.95 28.29 -33.83
CA ILE A 478 -8.93 27.42 -34.49
C ILE A 478 -9.64 26.28 -35.24
N ASN A 479 -10.97 26.36 -35.37
CA ASN A 479 -11.82 25.42 -36.15
C ASN A 479 -11.64 23.98 -35.64
N GLN A 480 -11.54 23.81 -34.32
CA GLN A 480 -11.41 22.50 -33.62
C GLN A 480 -12.58 22.37 -32.64
N GLU A 481 -13.80 22.62 -33.12
CA GLU A 481 -15.05 22.61 -32.30
C GLU A 481 -15.20 21.25 -31.59
N SER A 482 -14.72 20.15 -32.19
CA SER A 482 -14.98 18.76 -31.71
C SER A 482 -14.14 18.44 -30.47
N CYS A 483 -13.03 19.18 -30.26
CA CYS A 483 -12.05 18.90 -29.18
C CYS A 483 -12.44 19.66 -27.89
N ILE A 484 -13.61 20.30 -27.86
CA ILE A 484 -14.20 20.96 -26.64
C ILE A 484 -14.56 19.90 -25.59
N GLU A 485 -15.28 18.85 -26.01
CA GLU A 485 -15.78 17.78 -25.11
C GLU A 485 -14.59 17.06 -24.47
N PRO A 486 -13.55 16.65 -25.22
CA PRO A 486 -12.32 16.13 -24.61
C PRO A 486 -11.67 17.03 -23.53
N LEU A 487 -11.67 18.35 -23.73
CA LEU A 487 -11.11 19.31 -22.73
C LEU A 487 -11.96 19.24 -21.47
N ALA A 488 -13.27 19.33 -21.66
CA ALA A 488 -14.29 19.24 -20.58
C ALA A 488 -14.08 17.91 -19.84
N GLU A 489 -13.87 16.81 -20.60
CA GLU A 489 -13.70 15.45 -20.04
C GLU A 489 -12.45 15.43 -19.19
N SER A 490 -11.36 16.05 -19.65
CA SER A 490 -10.05 16.11 -18.94
C SER A 490 -10.19 16.86 -17.61
N ILE A 491 -10.84 18.03 -17.62
CA ILE A 491 -11.07 18.84 -16.39
C ILE A 491 -11.90 18.01 -15.39
N THR A 492 -12.98 17.39 -15.87
CA THR A 492 -13.86 16.50 -15.08
C THR A 492 -13.02 15.38 -14.47
N ASP A 493 -12.20 14.74 -15.30
CA ASP A 493 -11.30 13.65 -14.87
C ASP A 493 -10.49 14.10 -13.65
N VAL A 494 -9.70 15.17 -13.75
CA VAL A 494 -8.79 15.61 -12.65
C VAL A 494 -9.63 16.01 -11.43
N LEU A 495 -10.78 16.60 -11.68
CA LEU A 495 -11.65 17.13 -10.60
C LEU A 495 -12.12 15.96 -9.74
N VAL A 496 -12.77 14.98 -10.35
CA VAL A 496 -13.45 13.86 -9.61
C VAL A 496 -12.36 12.87 -9.17
N ARG A 497 -11.32 12.66 -9.98
CA ARG A 497 -10.23 11.72 -9.66
C ARG A 497 -9.58 12.14 -8.34
N THR A 498 -9.15 13.40 -8.23
CA THR A 498 -8.27 13.84 -7.13
C THR A 498 -9.09 14.37 -5.95
N LYS A 499 -10.32 14.86 -6.14
CA LYS A 499 -11.07 15.62 -5.09
C LYS A 499 -12.49 15.09 -4.91
N ARG A 500 -12.72 13.81 -5.19
CA ARG A 500 -14.04 13.17 -4.97
C ARG A 500 -14.50 13.38 -3.52
N ASP A 501 -13.67 13.06 -2.52
CA ASP A 501 -14.12 13.14 -1.10
C ASP A 501 -14.46 14.58 -0.73
N TRP A 502 -13.58 15.53 -1.06
CA TRP A 502 -13.84 16.97 -0.79
C TRP A 502 -15.18 17.37 -1.43
N LEU A 503 -15.43 16.97 -2.68
CA LEU A 503 -16.63 17.37 -3.46
C LEU A 503 -17.88 16.84 -2.76
N VAL A 504 -17.87 15.54 -2.42
CA VAL A 504 -18.98 14.86 -1.70
C VAL A 504 -19.16 15.57 -0.37
N LYS A 505 -18.06 15.93 0.31
CA LYS A 505 -18.07 16.52 1.68
C LYS A 505 -18.75 17.88 1.61
N GLN A 506 -18.66 18.58 0.46
CA GLN A 506 -19.21 19.96 0.24
C GLN A 506 -20.63 19.91 -0.31
N ARG A 507 -21.31 18.76 -0.19
CA ARG A 507 -22.63 18.52 -0.82
C ARG A 507 -22.51 18.75 -2.33
N GLY A 508 -21.38 18.40 -2.94
CA GLY A 508 -21.19 18.39 -4.41
C GLY A 508 -21.55 19.72 -5.08
N TRP A 509 -22.21 19.66 -6.23
CA TRP A 509 -22.55 20.85 -7.05
C TRP A 509 -23.57 21.74 -6.34
N ASP A 510 -24.33 21.21 -5.38
CA ASP A 510 -25.34 22.01 -4.62
C ASP A 510 -24.57 22.98 -3.70
N GLY A 511 -23.44 22.54 -3.17
CA GLY A 511 -22.52 23.37 -2.37
C GLY A 511 -21.92 24.48 -3.19
N PHE A 512 -21.60 24.17 -4.45
CA PHE A 512 -21.02 25.14 -5.42
C PHE A 512 -22.00 26.30 -5.55
N VAL A 513 -23.29 26.01 -5.72
CA VAL A 513 -24.34 27.02 -6.02
C VAL A 513 -24.54 27.90 -4.77
N GLU A 514 -24.50 27.30 -3.58
CA GLU A 514 -24.63 28.04 -2.29
C GLU A 514 -23.37 28.84 -1.99
N PHE A 515 -22.19 28.38 -2.37
CA PHE A 515 -20.94 29.16 -2.16
C PHE A 515 -21.08 30.50 -2.88
N PHE A 516 -21.55 30.50 -4.13
CA PHE A 516 -21.56 31.69 -5.01
C PHE A 516 -22.87 32.47 -4.90
N HIS A 517 -23.97 31.82 -4.53
CA HIS A 517 -25.22 32.50 -4.07
C HIS A 517 -24.89 33.47 -2.93
N VAL A 518 -24.12 33.03 -1.92
CA VAL A 518 -23.79 33.82 -0.69
C VAL A 518 -22.96 35.06 -1.07
N SER A 519 -21.85 34.88 -1.79
CA SER A 519 -20.93 35.97 -2.20
C SER A 519 -21.75 37.05 -2.94
N GLU A 520 -22.57 36.63 -3.90
CA GLU A 520 -23.45 37.52 -4.72
C GLU A 520 -24.30 38.39 -3.79
N HIS A 521 -25.16 37.78 -2.98
CA HIS A 521 -26.22 38.48 -2.21
C HIS A 521 -25.62 39.12 -0.95
N HIS A 522 -24.43 38.71 -0.47
CA HIS A 522 -23.74 39.25 0.73
C HIS A 522 -22.23 39.36 0.50
CA GLY B 1 -9.03 19.72 19.75
C GLY B 1 -9.42 18.32 19.32
N LYS B 2 -8.44 17.52 18.88
CA LYS B 2 -8.64 16.23 18.18
C LYS B 2 -8.70 15.08 19.20
N ILE B 3 -7.70 14.96 20.07
CA ILE B 3 -7.62 13.84 21.08
C ILE B 3 -8.55 14.15 22.26
N GLU B 4 -9.41 13.19 22.59
CA GLU B 4 -10.21 13.00 23.85
C GLU B 4 -9.51 13.51 25.12
N GLU B 5 -10.22 14.20 26.00
CA GLU B 5 -9.76 14.54 27.38
C GLU B 5 -10.49 13.66 28.40
N GLY B 6 -9.88 13.49 29.58
CA GLY B 6 -10.43 12.73 30.73
C GLY B 6 -10.47 11.24 30.46
N LYS B 7 -9.84 10.80 29.37
CA LYS B 7 -9.73 9.37 28.95
C LYS B 7 -8.32 9.13 28.44
N LEU B 8 -7.90 7.86 28.42
CA LEU B 8 -6.60 7.40 27.87
C LEU B 8 -6.87 6.34 26.80
N VAL B 9 -6.45 6.62 25.56
CA VAL B 9 -6.44 5.66 24.42
C VAL B 9 -5.01 5.13 24.28
N ILE B 10 -4.85 3.81 24.39
CA ILE B 10 -3.54 3.10 24.34
C ILE B 10 -3.50 2.23 23.09
N TRP B 11 -2.41 2.33 22.33
CA TRP B 11 -2.11 1.46 21.16
C TRP B 11 -0.97 0.50 21.51
N ILE B 12 -1.22 -0.81 21.53
CA ILE B 12 -0.18 -1.87 21.75
C ILE B 12 -0.37 -2.93 20.67
N ASN B 13 0.74 -3.49 20.16
CA ASN B 13 0.67 -4.49 19.07
C ASN B 13 -0.06 -5.74 19.56
N GLY B 14 -0.85 -6.36 18.68
CA GLY B 14 -1.71 -7.52 18.99
C GLY B 14 -0.91 -8.74 19.44
N ASP B 15 0.39 -8.80 19.17
CA ASP B 15 1.21 -9.97 19.58
C ASP B 15 1.56 -9.84 21.07
N LYS B 16 1.34 -8.67 21.69
CA LYS B 16 1.64 -8.41 23.13
C LYS B 16 0.39 -8.64 23.97
N GLY B 17 0.53 -8.58 25.30
CA GLY B 17 -0.55 -8.92 26.24
C GLY B 17 -1.54 -7.78 26.43
N TYR B 18 -2.32 -7.43 25.40
CA TYR B 18 -3.24 -6.26 25.40
C TYR B 18 -4.37 -6.48 26.43
N ASN B 19 -4.82 -7.73 26.60
CA ASN B 19 -5.93 -8.07 27.54
C ASN B 19 -5.44 -7.91 28.98
N GLY B 20 -4.19 -8.31 29.27
CA GLY B 20 -3.49 -8.02 30.53
C GLY B 20 -3.41 -6.52 30.79
N LEU B 21 -3.06 -5.74 29.77
CA LEU B 21 -2.88 -4.27 29.87
C LEU B 21 -4.25 -3.60 30.11
N ALA B 22 -5.33 -4.14 29.54
CA ALA B 22 -6.71 -3.66 29.72
C ALA B 22 -7.21 -3.94 31.14
N GLU B 23 -6.79 -5.05 31.79
CA GLU B 23 -7.08 -5.37 33.21
C GLU B 23 -6.50 -4.30 34.13
N VAL B 24 -5.28 -3.82 33.83
CA VAL B 24 -4.62 -2.67 34.52
C VAL B 24 -5.49 -1.43 34.30
N GLY B 25 -5.96 -1.22 33.07
CA GLY B 25 -6.92 -0.15 32.70
C GLY B 25 -8.16 -0.17 33.57
N LYS B 26 -8.74 -1.36 33.83
CA LYS B 26 -9.95 -1.58 34.68
C LYS B 26 -9.68 -1.06 36.10
N LYS B 27 -8.56 -1.48 36.71
CA LYS B 27 -8.10 -1.03 38.05
C LYS B 27 -8.00 0.51 38.10
N PHE B 28 -7.33 1.13 37.11
CA PHE B 28 -7.14 2.60 36.97
C PHE B 28 -8.49 3.35 36.90
N GLU B 29 -9.43 2.85 36.09
CA GLU B 29 -10.74 3.53 35.88
C GLU B 29 -11.62 3.20 37.10
N THR B 37 -8.99 2.98 27.25
CA THR B 37 -9.25 2.30 25.96
C THR B 37 -7.93 1.70 25.45
N VAL B 38 -7.84 0.37 25.44
CA VAL B 38 -6.69 -0.38 24.86
C VAL B 38 -7.11 -0.94 23.49
N GLU B 39 -6.49 -0.43 22.42
CA GLU B 39 -6.67 -0.88 21.02
C GLU B 39 -5.38 -1.56 20.53
N HIS B 40 -5.51 -2.47 19.57
CA HIS B 40 -4.37 -3.16 18.89
C HIS B 40 -4.53 -3.01 17.38
N PRO B 41 -4.40 -1.79 16.85
CA PRO B 41 -4.59 -1.51 15.42
C PRO B 41 -3.51 -2.18 14.56
N ASP B 42 -3.86 -2.52 13.33
CA ASP B 42 -2.89 -3.01 12.34
C ASP B 42 -2.01 -1.81 11.92
N LYS B 43 -0.74 -2.07 11.62
CA LYS B 43 0.20 -1.07 11.03
C LYS B 43 0.23 0.19 11.91
N LEU B 44 0.10 0.05 13.25
CA LEU B 44 -0.04 1.19 14.21
C LEU B 44 1.23 2.03 14.23
N GLU B 45 2.39 1.41 14.02
CA GLU B 45 3.72 2.06 14.02
C GLU B 45 3.80 3.02 12.81
N GLU B 46 3.06 2.73 11.74
CA GLU B 46 2.98 3.58 10.52
C GLU B 46 1.85 4.61 10.68
N LYS B 47 0.75 4.23 11.34
CA LYS B 47 -0.43 5.10 11.52
C LYS B 47 -0.07 6.25 12.47
N PHE B 48 0.53 5.94 13.62
CA PHE B 48 0.79 6.91 14.73
C PHE B 48 1.46 8.18 14.20
N PRO B 49 2.62 8.10 13.51
CA PRO B 49 3.31 9.30 13.03
C PRO B 49 2.43 10.16 12.10
N GLN B 50 1.57 9.51 11.32
CA GLN B 50 0.63 10.16 10.39
C GLN B 50 -0.39 10.95 11.20
N VAL B 51 -1.16 10.29 12.07
CA VAL B 51 -2.31 10.88 12.82
C VAL B 51 -1.78 11.92 13.82
N ALA B 52 -0.69 11.63 14.52
CA ALA B 52 -0.13 12.48 15.60
C ALA B 52 0.20 13.86 15.04
N ALA B 53 0.75 13.93 13.82
CA ALA B 53 1.16 15.17 13.12
C ALA B 53 -0.05 16.08 12.82
N THR B 54 -1.24 15.49 12.63
CA THR B 54 -2.56 16.17 12.44
C THR B 54 -3.23 16.39 13.80
N GLY B 55 -2.51 16.15 14.90
CA GLY B 55 -2.95 16.40 16.28
C GLY B 55 -3.86 15.33 16.87
N ASP B 56 -4.22 14.30 16.09
CA ASP B 56 -5.05 13.14 16.54
C ASP B 56 -4.12 12.00 17.02
N GLY B 57 -4.65 10.78 17.18
CA GLY B 57 -3.89 9.59 17.61
C GLY B 57 -4.21 9.15 19.03
N PRO B 58 -3.48 8.15 19.56
CA PRO B 58 -3.70 7.65 20.93
C PRO B 58 -2.95 8.52 21.94
N ASP B 59 -3.34 8.42 23.20
CA ASP B 59 -2.66 9.11 24.32
C ASP B 59 -1.28 8.46 24.46
N ILE B 60 -1.26 7.13 24.48
CA ILE B 60 -0.06 6.28 24.72
C ILE B 60 0.11 5.29 23.56
N ILE B 61 1.34 5.21 23.03
CA ILE B 61 1.74 4.28 21.93
C ILE B 61 2.77 3.30 22.50
N PHE B 62 2.51 2.00 22.35
CA PHE B 62 3.44 0.91 22.74
C PHE B 62 4.10 0.33 21.48
N TRP B 63 5.44 0.38 21.40
CA TRP B 63 6.24 -0.33 20.37
C TRP B 63 7.64 -0.60 20.91
N ALA B 64 8.47 -1.37 20.19
CA ALA B 64 9.90 -1.55 20.54
C ALA B 64 10.60 -0.20 20.38
N HIS B 65 11.67 0.04 21.15
CA HIS B 65 12.36 1.35 21.28
C HIS B 65 12.87 1.85 19.92
N ASP B 66 13.03 0.96 18.93
CA ASP B 66 13.62 1.27 17.61
C ASP B 66 12.77 2.29 16.84
N ARG B 67 11.46 2.34 17.04
CA ARG B 67 10.56 3.24 16.25
C ARG B 67 10.54 4.65 16.83
N PHE B 68 10.83 4.80 18.12
CA PHE B 68 10.53 6.02 18.93
C PHE B 68 11.49 7.17 18.56
N GLY B 69 12.69 6.88 18.08
CA GLY B 69 13.65 7.92 17.65
C GLY B 69 13.09 8.78 16.52
N GLY B 70 12.57 8.15 15.46
CA GLY B 70 11.88 8.83 14.34
C GLY B 70 10.74 9.70 14.84
N TYR B 71 9.93 9.20 15.77
CA TYR B 71 8.75 9.90 16.33
C TYR B 71 9.18 11.18 17.07
N ALA B 72 10.17 11.03 17.96
CA ALA B 72 10.71 12.13 18.79
C ALA B 72 11.37 13.18 17.89
N GLN B 73 12.10 12.75 16.86
CA GLN B 73 12.72 13.67 15.86
C GLN B 73 11.62 14.57 15.27
N SER B 74 10.45 14.01 14.99
CA SER B 74 9.30 14.71 14.36
C SER B 74 8.46 15.46 15.41
N GLY B 75 8.85 15.40 16.68
CA GLY B 75 8.24 16.16 17.79
C GLY B 75 6.90 15.58 18.22
N LEU B 76 6.64 14.32 17.91
CA LEU B 76 5.31 13.65 18.11
C LEU B 76 5.25 12.97 19.50
N LEU B 77 6.32 13.06 20.29
CA LEU B 77 6.42 12.45 21.65
C LEU B 77 6.65 13.54 22.71
N ALA B 78 5.93 13.43 23.83
CA ALA B 78 6.15 14.21 25.07
C ALA B 78 7.43 13.72 25.77
N GLU B 79 8.30 14.66 26.15
CA GLU B 79 9.44 14.46 27.10
C GLU B 79 8.89 13.88 28.40
N ILE B 80 9.29 12.66 28.77
CA ILE B 80 8.81 11.98 30.01
C ILE B 80 9.61 12.56 31.19
N THR B 81 8.99 12.65 32.37
CA THR B 81 9.48 13.39 33.57
C THR B 81 9.41 12.51 34.81
N PRO B 82 10.27 11.47 34.91
CA PRO B 82 10.26 10.57 36.07
C PRO B 82 11.06 11.06 37.29
N ASP B 83 10.59 10.71 38.50
CA ASP B 83 11.35 10.74 39.79
C ASP B 83 12.65 9.96 39.64
N LYS B 84 13.73 10.37 40.33
CA LYS B 84 14.99 9.58 40.37
C LYS B 84 14.69 8.23 41.05
N ALA B 85 13.78 8.21 42.03
CA ALA B 85 13.27 6.99 42.69
C ALA B 85 12.83 5.98 41.61
N PHE B 86 11.97 6.43 40.70
CA PHE B 86 11.38 5.65 39.59
C PHE B 86 12.48 5.14 38.65
N GLN B 87 13.43 6.01 38.30
CA GLN B 87 14.56 5.64 37.42
C GLN B 87 15.40 4.56 38.10
N ASP B 88 15.52 4.63 39.43
CA ASP B 88 16.30 3.65 40.24
C ASP B 88 15.52 2.33 40.32
N LYS B 89 14.19 2.37 40.14
CA LYS B 89 13.31 1.18 40.12
C LYS B 89 13.56 0.34 38.85
N LEU B 90 14.02 0.95 37.75
CA LEU B 90 14.28 0.25 36.45
C LEU B 90 15.79 0.14 36.14
N TYR B 91 16.16 -0.80 35.26
CA TYR B 91 17.58 -1.05 34.84
C TYR B 91 18.07 0.15 34.05
N PRO B 92 19.33 0.62 34.28
CA PRO B 92 19.88 1.73 33.49
C PRO B 92 19.96 1.43 31.99
N PHE B 93 20.24 0.17 31.60
CA PHE B 93 20.38 -0.22 30.17
C PHE B 93 19.03 -0.02 29.45
N THR B 94 17.90 -0.14 30.16
CA THR B 94 16.55 0.08 29.59
C THR B 94 16.33 1.58 29.32
N TRP B 95 16.89 2.46 30.16
CA TRP B 95 16.74 3.93 30.00
C TRP B 95 17.58 4.40 28.80
N ASP B 96 18.77 3.83 28.60
CA ASP B 96 19.70 4.20 27.50
C ASP B 96 19.01 3.91 26.15
N ALA B 97 18.22 2.83 26.11
CA ALA B 97 17.43 2.38 24.94
C ALA B 97 16.38 3.42 24.57
N VAL B 98 15.79 4.02 25.61
CA VAL B 98 14.61 4.91 25.50
C VAL B 98 15.06 6.37 25.45
N ARG B 99 16.36 6.65 25.30
CA ARG B 99 16.95 8.03 25.30
C ARG B 99 17.27 8.48 23.87
N TYR B 100 16.72 9.64 23.42
CA TYR B 100 17.05 10.29 22.11
C TYR B 100 17.42 11.77 22.30
N ASN B 101 18.58 12.18 21.77
CA ASN B 101 19.15 13.55 21.89
C ASN B 101 19.29 13.94 23.37
N GLY B 102 19.63 12.99 24.23
CA GLY B 102 19.76 13.22 25.68
C GLY B 102 18.43 13.49 26.36
N LYS B 103 17.31 13.08 25.75
CA LYS B 103 15.94 13.20 26.33
C LYS B 103 15.31 11.80 26.41
N LEU B 104 14.70 11.46 27.53
CA LEU B 104 13.91 10.20 27.69
C LEU B 104 12.54 10.42 27.02
N ILE B 105 12.23 9.62 25.99
CA ILE B 105 11.11 9.85 25.02
C ILE B 105 9.98 8.85 25.26
N ALA B 106 10.22 7.80 26.05
CA ALA B 106 9.21 6.79 26.46
C ALA B 106 9.63 6.07 27.74
N TYR B 107 8.72 5.26 28.28
CA TYR B 107 8.91 4.44 29.50
C TYR B 107 9.29 3.02 29.09
N PRO B 108 10.48 2.52 29.49
CA PRO B 108 10.90 1.16 29.16
C PRO B 108 10.14 0.10 29.98
N ILE B 109 9.70 -0.97 29.33
CA ILE B 109 8.86 -2.05 29.96
C ILE B 109 9.69 -3.33 30.12
N ALA B 110 10.16 -3.91 29.03
CA ALA B 110 10.74 -5.28 29.02
C ALA B 110 11.72 -5.44 27.84
N VAL B 111 12.73 -6.29 28.04
CA VAL B 111 13.76 -6.63 27.03
C VAL B 111 13.34 -7.91 26.31
N GLU B 112 13.31 -7.84 24.97
CA GLU B 112 12.80 -8.90 24.05
C GLU B 112 13.93 -9.38 23.15
N ALA B 113 14.07 -10.69 22.99
CA ALA B 113 15.02 -11.32 22.05
C ALA B 113 14.46 -12.66 21.56
N LEU B 114 14.74 -12.96 20.30
CA LEU B 114 14.44 -14.26 19.68
C LEU B 114 15.35 -15.30 20.31
N SER B 115 14.78 -16.48 20.60
CA SER B 115 15.50 -17.69 21.03
C SER B 115 15.06 -18.86 20.12
N LEU B 116 15.85 -19.94 20.09
CA LEU B 116 15.48 -21.18 19.37
C LEU B 116 14.49 -21.95 20.26
N ILE B 117 13.24 -22.08 19.81
CA ILE B 117 12.20 -22.92 20.47
C ILE B 117 12.12 -24.26 19.74
N TYR B 118 12.23 -25.36 20.50
CA TYR B 118 12.32 -26.74 19.95
C TYR B 118 11.34 -27.65 20.69
N ASN B 119 10.81 -28.64 19.97
CA ASN B 119 9.97 -29.74 20.51
C ASN B 119 10.93 -30.74 21.17
N LYS B 120 10.88 -30.87 22.50
CA LYS B 120 11.80 -31.74 23.29
C LYS B 120 11.57 -33.20 22.89
N ASP B 121 10.32 -33.57 22.61
CA ASP B 121 9.92 -34.97 22.28
C ASP B 121 10.49 -35.33 20.91
N LEU B 122 10.33 -34.45 19.91
CA LEU B 122 10.83 -34.67 18.52
C LEU B 122 12.35 -34.49 18.47
N LEU B 123 12.89 -33.58 19.30
CA LEU B 123 14.31 -33.15 19.24
C LEU B 123 14.85 -33.00 20.67
N PRO B 124 15.22 -34.09 21.37
CA PRO B 124 15.79 -34.01 22.72
C PRO B 124 17.01 -33.09 22.82
N ASN B 125 17.92 -33.15 21.84
CA ASN B 125 19.15 -32.32 21.76
C ASN B 125 19.15 -31.54 20.44
N PRO B 126 18.69 -30.27 20.46
CA PRO B 126 18.59 -29.48 19.23
C PRO B 126 19.98 -29.15 18.70
N PRO B 127 20.10 -28.85 17.39
CA PRO B 127 21.40 -28.55 16.79
C PRO B 127 21.99 -27.24 17.33
N LYS B 128 23.31 -27.22 17.52
CA LYS B 128 24.08 -26.04 18.01
C LYS B 128 24.45 -25.16 16.81
N THR B 129 24.40 -25.71 15.58
CA THR B 129 24.80 -25.00 14.34
C THR B 129 23.66 -25.00 13.32
N TRP B 130 23.53 -23.88 12.60
CA TRP B 130 22.73 -23.72 11.35
C TRP B 130 23.13 -24.77 10.31
N GLU B 131 24.43 -25.06 10.18
CA GLU B 131 25.00 -25.82 9.03
C GLU B 131 24.50 -27.27 9.05
N GLU B 132 24.01 -27.79 10.18
CA GLU B 132 23.59 -29.21 10.33
C GLU B 132 22.07 -29.36 10.20
N ILE B 133 21.35 -28.27 9.94
CA ILE B 133 19.85 -28.31 9.88
C ILE B 133 19.39 -28.96 8.58
N PRO B 134 20.02 -28.76 7.41
CA PRO B 134 19.58 -29.42 6.19
C PRO B 134 19.60 -30.96 6.28
N ALA B 135 20.61 -31.52 6.94
CA ALA B 135 20.74 -32.98 7.21
C ALA B 135 19.62 -33.43 8.16
N LEU B 136 19.30 -32.62 9.17
CA LEU B 136 18.25 -32.89 10.18
C LEU B 136 16.88 -32.92 9.51
N ASP B 137 16.64 -32.04 8.54
CA ASP B 137 15.35 -31.92 7.81
C ASP B 137 15.11 -33.21 7.02
N LYS B 138 16.15 -33.71 6.33
CA LYS B 138 16.12 -34.99 5.57
C LYS B 138 15.60 -36.10 6.48
N GLU B 139 16.17 -36.21 7.69
CA GLU B 139 15.81 -37.22 8.72
C GLU B 139 14.34 -37.06 9.14
N LEU B 140 13.94 -35.83 9.51
CA LEU B 140 12.58 -35.55 10.06
C LEU B 140 11.52 -35.61 8.95
N LYS B 141 11.89 -35.28 7.70
CA LYS B 141 10.96 -35.30 6.53
C LYS B 141 10.43 -36.71 6.28
N ALA B 142 11.25 -37.73 6.56
CA ALA B 142 10.90 -39.17 6.38
C ALA B 142 9.77 -39.55 7.36
N LYS B 143 9.66 -38.83 8.49
CA LYS B 143 8.61 -39.01 9.53
C LYS B 143 7.44 -38.05 9.29
N GLY B 144 7.41 -37.38 8.12
CA GLY B 144 6.36 -36.41 7.73
C GLY B 144 6.39 -35.16 8.60
N LYS B 145 7.59 -34.76 9.04
CA LYS B 145 7.85 -33.58 9.90
C LYS B 145 8.89 -32.69 9.20
N SER B 146 9.29 -31.59 9.85
CA SER B 146 10.25 -30.59 9.33
C SER B 146 11.16 -30.15 10.48
N ALA B 147 12.40 -29.77 10.19
CA ALA B 147 13.41 -29.39 11.21
C ALA B 147 13.03 -28.03 11.83
N LEU B 148 12.81 -27.01 10.97
CA LEU B 148 12.73 -25.58 11.38
C LEU B 148 11.69 -24.85 10.52
N MET B 149 10.82 -24.09 11.20
CA MET B 149 9.87 -23.14 10.55
C MET B 149 9.77 -21.87 11.39
N PHE B 150 10.06 -20.71 10.79
CA PHE B 150 9.87 -19.36 11.40
C PHE B 150 9.40 -18.35 10.34
N ASN B 151 9.07 -17.14 10.82
CA ASN B 151 8.58 -16.02 9.98
C ASN B 151 9.72 -15.50 9.08
N LEU B 152 9.70 -15.86 7.79
CA LEU B 152 10.64 -15.37 6.75
C LEU B 152 10.17 -14.03 6.20
N GLN B 153 8.92 -13.64 6.47
CA GLN B 153 8.28 -12.40 5.94
C GLN B 153 8.76 -11.16 6.72
N GLU B 154 9.31 -11.32 7.92
CA GLU B 154 9.79 -10.18 8.73
C GLU B 154 11.30 -10.30 8.91
N PRO B 155 12.06 -9.22 8.67
CA PRO B 155 13.51 -9.24 8.84
C PRO B 155 13.97 -9.34 10.30
N TYR B 156 13.08 -9.14 11.28
CA TYR B 156 13.37 -9.37 12.72
C TYR B 156 13.92 -10.79 12.94
N PHE B 157 13.35 -11.78 12.25
CA PHE B 157 13.58 -13.23 12.48
C PHE B 157 14.75 -13.75 11.62
N THR B 158 14.97 -13.11 10.47
CA THR B 158 15.97 -13.51 9.46
C THR B 158 17.33 -12.91 9.83
N TRP B 159 17.34 -11.84 10.63
CA TRP B 159 18.55 -11.01 10.87
C TRP B 159 19.61 -11.75 11.70
N PRO B 160 19.25 -12.51 12.77
CA PRO B 160 20.24 -13.28 13.54
C PRO B 160 21.30 -13.99 12.69
N LEU B 161 20.84 -14.71 11.66
CA LEU B 161 21.66 -15.48 10.69
C LEU B 161 22.49 -14.53 9.79
N ILE B 162 21.89 -13.43 9.34
CA ILE B 162 22.54 -12.41 8.46
C ILE B 162 23.69 -11.75 9.24
N ALA B 163 23.46 -11.36 10.49
CA ALA B 163 24.41 -10.60 11.35
C ALA B 163 25.54 -11.51 11.86
N ALA B 164 25.41 -12.84 11.74
CA ALA B 164 26.32 -13.83 12.33
C ALA B 164 27.75 -13.65 11.80
N ASP B 165 27.97 -13.94 10.51
CA ASP B 165 29.32 -13.94 9.87
C ASP B 165 29.78 -12.51 9.55
N GLY B 166 28.91 -11.51 9.72
CA GLY B 166 29.21 -10.10 9.41
C GLY B 166 27.94 -9.39 9.00
N GLY B 167 27.52 -8.40 9.78
CA GLY B 167 26.25 -7.71 9.56
C GLY B 167 25.92 -6.80 10.73
N TYR B 168 25.64 -5.52 10.45
CA TYR B 168 25.24 -4.52 11.46
C TYR B 168 24.32 -3.49 10.79
N ALA B 169 23.45 -2.87 11.57
CA ALA B 169 22.54 -1.78 11.15
C ALA B 169 23.28 -0.45 11.27
N PHE B 170 24.16 -0.33 12.27
CA PHE B 170 24.93 0.90 12.63
C PHE B 170 26.20 0.53 13.39
N LYS B 171 27.09 1.51 13.58
CA LYS B 171 28.30 1.43 14.45
C LYS B 171 28.15 2.45 15.59
N TYR B 172 28.17 2.02 16.86
CA TYR B 172 28.25 2.93 18.05
C TYR B 172 29.72 3.10 18.43
N TYR B 177 25.14 6.62 17.26
CA TYR B 177 25.29 5.67 16.12
C TYR B 177 25.75 6.41 14.86
N ASP B 178 26.85 5.94 14.25
CA ASP B 178 27.33 6.34 12.90
C ASP B 178 26.26 5.94 11.88
N ILE B 179 25.50 6.93 11.41
CA ILE B 179 24.38 6.79 10.43
C ILE B 179 25.01 6.55 9.03
N LYS B 180 26.31 6.84 8.87
CA LYS B 180 27.08 6.61 7.62
C LYS B 180 27.46 5.13 7.52
N ASP B 181 27.88 4.52 8.63
CA ASP B 181 28.41 3.11 8.64
C ASP B 181 27.24 2.12 8.81
N VAL B 182 26.84 1.51 7.69
CA VAL B 182 25.78 0.46 7.60
C VAL B 182 26.42 -0.78 6.98
N GLY B 183 26.08 -1.97 7.49
CA GLY B 183 26.75 -3.25 7.17
C GLY B 183 25.78 -4.27 6.58
N VAL B 184 25.22 -3.96 5.41
CA VAL B 184 24.16 -4.76 4.74
C VAL B 184 24.70 -5.35 3.43
N ASP B 185 25.79 -4.82 2.87
CA ASP B 185 26.40 -5.30 1.59
C ASP B 185 27.59 -6.26 1.86
N ASN B 186 27.94 -6.52 3.13
CA ASN B 186 29.05 -7.39 3.63
C ASN B 186 29.02 -8.79 2.99
N ALA B 187 30.18 -9.48 2.93
CA ALA B 187 30.28 -10.91 2.56
C ALA B 187 29.73 -11.81 3.68
N GLY B 188 29.67 -11.30 4.91
CA GLY B 188 29.08 -12.01 6.07
C GLY B 188 27.57 -12.10 5.97
N ALA B 189 26.94 -10.97 5.63
CA ALA B 189 25.50 -10.87 5.33
C ALA B 189 25.20 -11.76 4.13
N LYS B 190 26.07 -11.74 3.11
CA LYS B 190 25.89 -12.52 1.86
C LYS B 190 25.76 -13.99 2.24
N ALA B 191 26.69 -14.47 3.09
CA ALA B 191 26.79 -15.87 3.52
C ALA B 191 25.51 -16.25 4.26
N GLY B 192 25.15 -15.45 5.27
CA GLY B 192 23.93 -15.61 6.08
C GLY B 192 22.72 -15.81 5.20
N LEU B 193 22.41 -14.81 4.37
CA LEU B 193 21.22 -14.79 3.50
C LEU B 193 21.32 -15.92 2.45
N THR B 194 22.52 -16.19 1.91
CA THR B 194 22.75 -17.27 0.91
C THR B 194 22.42 -18.62 1.58
N PHE B 195 22.73 -18.76 2.87
CA PHE B 195 22.40 -20.00 3.61
C PHE B 195 20.87 -20.16 3.67
N LEU B 196 20.17 -19.06 3.98
CA LEU B 196 18.70 -19.07 4.12
C LEU B 196 18.09 -19.42 2.77
N VAL B 197 18.56 -18.77 1.71
CA VAL B 197 18.00 -18.96 0.34
C VAL B 197 18.24 -20.41 -0.10
N ASP B 198 19.35 -21.03 0.34
CA ASP B 198 19.68 -22.44 -0.01
C ASP B 198 18.68 -23.38 0.68
N LEU B 199 18.39 -23.16 1.96
CA LEU B 199 17.39 -23.94 2.74
C LEU B 199 16.09 -23.97 1.94
N ILE B 200 15.70 -22.83 1.36
CA ILE B 200 14.40 -22.63 0.65
C ILE B 200 14.44 -23.33 -0.72
N LYS B 201 15.57 -23.22 -1.45
CA LYS B 201 15.78 -23.85 -2.78
C LYS B 201 15.83 -25.38 -2.62
N ASN B 202 16.43 -25.88 -1.52
CA ASN B 202 16.55 -27.32 -1.17
C ASN B 202 15.27 -27.82 -0.49
N LYS B 203 14.21 -27.00 -0.45
CA LYS B 203 12.87 -27.30 0.13
C LYS B 203 12.98 -27.74 1.61
N HIS B 204 13.98 -27.24 2.35
CA HIS B 204 14.11 -27.41 3.82
C HIS B 204 13.22 -26.36 4.53
N MET B 205 12.86 -25.30 3.79
CA MET B 205 11.94 -24.21 4.20
C MET B 205 11.21 -23.68 2.96
N ASN B 206 10.18 -22.86 3.18
CA ASN B 206 9.31 -22.34 2.12
C ASN B 206 9.30 -20.82 2.25
N ALA B 207 9.44 -20.12 1.12
CA ALA B 207 9.54 -18.64 1.00
C ALA B 207 8.32 -17.96 1.61
N ASP B 208 7.14 -18.60 1.56
CA ASP B 208 5.81 -18.01 1.93
C ASP B 208 5.50 -18.19 3.42
N THR B 209 6.33 -18.90 4.17
CA THR B 209 6.17 -19.08 5.63
C THR B 209 6.18 -17.71 6.33
N ASP B 210 5.17 -17.45 7.16
CA ASP B 210 4.97 -16.20 7.94
C ASP B 210 4.85 -16.56 9.42
N TYR B 211 4.41 -15.64 10.27
CA TYR B 211 4.30 -15.85 11.73
C TYR B 211 3.19 -16.88 12.00
N SER B 212 2.03 -16.71 11.38
CA SER B 212 0.85 -17.60 11.59
C SER B 212 1.24 -19.04 11.24
N ILE B 213 1.84 -19.25 10.04
CA ILE B 213 2.11 -20.59 9.46
C ILE B 213 3.10 -21.31 10.38
N ALA B 214 4.14 -20.59 10.83
CA ALA B 214 5.23 -21.14 11.67
C ALA B 214 4.68 -21.48 13.07
N GLU B 215 3.89 -20.59 13.67
CA GLU B 215 3.29 -20.82 15.01
C GLU B 215 2.37 -22.03 14.96
N ALA B 216 1.50 -22.11 13.95
CA ALA B 216 0.58 -23.25 13.67
C ALA B 216 1.37 -24.57 13.62
N ALA B 217 2.41 -24.63 12.78
CA ALA B 217 3.25 -25.84 12.55
C ALA B 217 3.88 -26.29 13.86
N PHE B 218 4.46 -25.37 14.63
CA PHE B 218 5.21 -25.73 15.86
C PHE B 218 4.23 -26.24 16.92
N ASN B 219 3.08 -25.57 17.05
CA ASN B 219 2.09 -25.79 18.13
C ASN B 219 1.25 -27.04 17.82
N LYS B 220 1.11 -27.39 16.52
CA LYS B 220 0.42 -28.62 16.05
C LYS B 220 1.43 -29.77 15.92
N GLY B 221 2.70 -29.53 16.28
CA GLY B 221 3.77 -30.56 16.41
C GLY B 221 4.41 -30.95 15.08
N GLU B 222 4.13 -30.24 13.98
CA GLU B 222 4.57 -30.61 12.61
C GLU B 222 6.04 -30.23 12.34
N THR B 223 6.61 -29.25 13.07
CA THR B 223 8.02 -28.82 12.91
C THR B 223 8.71 -28.96 14.26
N ALA B 224 10.00 -29.23 14.24
CA ALA B 224 10.81 -29.60 15.43
C ALA B 224 11.34 -28.33 16.10
N MET B 225 11.52 -27.24 15.33
CA MET B 225 12.09 -25.97 15.83
C MET B 225 11.32 -24.77 15.24
N THR B 226 11.26 -23.67 15.99
CA THR B 226 10.82 -22.33 15.53
C THR B 226 11.73 -21.29 16.18
N ILE B 227 11.78 -20.09 15.58
CA ILE B 227 12.47 -18.90 16.16
C ILE B 227 11.37 -17.90 16.50
N ASN B 228 11.26 -17.55 17.78
CA ASN B 228 10.25 -16.56 18.26
C ASN B 228 10.69 -15.98 19.60
N GLY B 229 9.92 -15.01 20.09
CA GLY B 229 10.20 -14.25 21.32
C GLY B 229 9.27 -14.67 22.44
N PRO B 230 9.46 -14.09 23.64
CA PRO B 230 8.62 -14.39 24.81
C PRO B 230 7.09 -14.33 24.58
N TRP B 231 6.63 -13.43 23.71
CA TRP B 231 5.18 -13.19 23.49
C TRP B 231 4.50 -14.50 23.07
N ALA B 232 5.23 -15.40 22.41
CA ALA B 232 4.68 -16.60 21.75
C ALA B 232 4.47 -17.75 22.73
N TRP B 233 5.04 -17.69 23.95
CA TRP B 233 5.09 -18.83 24.90
C TRP B 233 3.67 -19.25 25.29
N SER B 234 2.73 -18.32 25.45
CA SER B 234 1.33 -18.56 25.91
C SER B 234 0.60 -19.52 24.97
N ASN B 235 0.76 -19.34 23.66
CA ASN B 235 0.05 -20.13 22.61
C ASN B 235 0.66 -21.52 22.50
N ILE B 236 1.96 -21.67 22.83
CA ILE B 236 2.66 -22.99 22.87
C ILE B 236 2.26 -23.67 24.18
N ASP B 237 2.09 -22.89 25.25
CA ASP B 237 1.66 -23.39 26.58
C ASP B 237 0.29 -24.09 26.45
N THR B 238 -0.60 -23.52 25.63
CA THR B 238 -1.95 -24.06 25.31
C THR B 238 -1.81 -25.34 24.48
N SER B 239 -0.85 -25.38 23.56
CA SER B 239 -0.62 -26.49 22.61
C SER B 239 -0.18 -27.75 23.37
N ALA B 240 0.36 -27.56 24.58
CA ALA B 240 1.02 -28.61 25.40
C ALA B 240 1.82 -29.56 24.49
N VAL B 241 2.64 -28.98 23.62
CA VAL B 241 3.86 -29.58 23.01
C VAL B 241 4.98 -29.37 24.03
N ASN B 242 5.69 -30.41 24.45
CA ASN B 242 6.82 -30.25 25.40
C ASN B 242 7.90 -29.43 24.68
N TYR B 243 8.09 -28.16 25.06
CA TYR B 243 8.95 -27.19 24.33
C TYR B 243 10.09 -26.71 25.23
N GLY B 244 11.28 -26.56 24.63
CA GLY B 244 12.47 -25.94 25.24
C GLY B 244 12.82 -24.64 24.54
N VAL B 245 13.43 -23.72 25.27
CA VAL B 245 13.88 -22.37 24.81
C VAL B 245 15.40 -22.32 25.03
N THR B 246 16.19 -22.01 23.99
CA THR B 246 17.67 -22.23 24.02
C THR B 246 18.39 -21.18 23.16
N VAL B 247 19.74 -21.24 23.13
CA VAL B 247 20.62 -20.38 22.28
C VAL B 247 20.27 -20.61 20.81
N LEU B 248 20.29 -19.55 20.01
CA LEU B 248 20.10 -19.65 18.54
C LEU B 248 21.32 -20.34 17.95
N PRO B 249 21.16 -21.14 16.87
CA PRO B 249 22.26 -21.86 16.27
C PRO B 249 23.38 -20.90 15.85
N THR B 250 24.63 -21.36 15.96
CA THR B 250 25.84 -20.65 15.48
C THR B 250 25.90 -20.82 13.95
N PHE B 251 26.33 -19.77 13.24
CA PHE B 251 26.64 -19.81 11.79
C PHE B 251 28.12 -19.54 11.59
N LYS B 252 28.77 -20.42 10.83
CA LYS B 252 30.24 -20.42 10.62
C LYS B 252 30.92 -20.14 11.98
N GLY B 253 30.48 -20.86 13.03
CA GLY B 253 31.11 -20.87 14.36
C GLY B 253 30.88 -19.58 15.13
N GLN B 254 30.30 -18.58 14.46
CA GLN B 254 29.92 -17.27 15.09
C GLN B 254 28.48 -17.37 15.58
N PRO B 255 28.16 -16.77 16.76
CA PRO B 255 26.81 -16.84 17.31
C PRO B 255 25.83 -16.02 16.46
N SER B 256 24.55 -16.44 16.43
CA SER B 256 23.44 -15.69 15.79
C SER B 256 23.17 -14.46 16.65
N LYS B 257 23.05 -13.29 15.99
CA LYS B 257 22.98 -11.96 16.64
C LYS B 257 21.58 -11.38 16.39
N PRO B 258 20.60 -11.73 17.24
CA PRO B 258 19.26 -11.16 17.12
C PRO B 258 19.23 -9.72 17.63
N PHE B 259 18.42 -8.87 17.01
CA PHE B 259 18.20 -7.48 17.49
C PHE B 259 17.44 -7.55 18.80
N VAL B 260 17.91 -6.82 19.81
CA VAL B 260 17.26 -6.75 21.15
C VAL B 260 16.30 -5.56 21.11
N GLY B 261 15.01 -5.82 21.28
CA GLY B 261 13.97 -4.80 21.38
C GLY B 261 13.61 -4.54 22.83
N VAL B 262 13.29 -3.29 23.15
CA VAL B 262 12.71 -2.89 24.46
C VAL B 262 11.31 -2.38 24.19
N LEU B 263 10.30 -3.17 24.55
CA LEU B 263 8.91 -2.69 24.60
C LEU B 263 8.94 -1.39 25.38
N SER B 264 8.46 -0.32 24.77
CA SER B 264 8.48 1.05 25.33
C SER B 264 7.07 1.65 25.19
N ALA B 265 6.66 2.48 26.16
CA ALA B 265 5.39 3.24 26.16
C ALA B 265 5.72 4.73 26.06
N GLY B 266 5.28 5.38 24.98
CA GLY B 266 5.49 6.82 24.73
C GLY B 266 4.18 7.57 24.79
N ILE B 267 4.23 8.89 25.02
CA ILE B 267 3.01 9.73 25.17
C ILE B 267 2.97 10.73 24.00
N ASN B 268 1.80 10.85 23.37
CA ASN B 268 1.57 11.77 22.23
C ASN B 268 1.80 13.18 22.75
N ALA B 269 2.61 13.98 22.05
CA ALA B 269 2.83 15.41 22.35
C ALA B 269 1.51 16.16 22.22
N ALA B 270 0.53 15.60 21.50
CA ALA B 270 -0.79 16.22 21.24
C ALA B 270 -1.85 15.73 22.23
N SER B 271 -1.47 14.96 23.26
CA SER B 271 -2.41 14.43 24.29
C SER B 271 -2.61 15.46 25.40
N PRO B 272 -3.87 15.85 25.70
CA PRO B 272 -4.15 16.74 26.84
C PRO B 272 -4.16 15.98 28.18
N ASN B 273 -3.87 14.67 28.16
CA ASN B 273 -3.94 13.79 29.36
C ASN B 273 -2.53 13.28 29.69
N LYS B 274 -1.49 14.04 29.32
CA LYS B 274 -0.05 13.73 29.61
C LYS B 274 0.19 13.39 31.09
N GLU B 275 -0.51 14.08 32.00
CA GLU B 275 -0.44 13.85 33.47
C GLU B 275 -0.99 12.45 33.75
N LEU B 276 -2.24 12.20 33.33
CA LEU B 276 -2.98 10.91 33.52
C LEU B 276 -2.14 9.74 32.98
N ALA B 277 -1.48 9.95 31.83
CA ALA B 277 -0.62 8.94 31.16
C ALA B 277 0.52 8.54 32.09
N LYS B 278 1.28 9.53 32.58
CA LYS B 278 2.43 9.34 33.50
C LYS B 278 1.99 8.47 34.69
N GLU B 279 0.84 8.78 35.28
CA GLU B 279 0.28 8.07 36.47
C GLU B 279 0.11 6.59 36.13
N PHE B 280 -0.59 6.29 35.04
CA PHE B 280 -0.91 4.92 34.58
C PHE B 280 0.38 4.10 34.49
N LEU B 281 1.37 4.63 33.76
CA LEU B 281 2.65 3.93 33.48
C LEU B 281 3.48 3.82 34.77
N GLU B 282 3.58 4.88 35.57
CA GLU B 282 4.48 4.93 36.76
C GLU B 282 3.89 4.11 37.92
N ASN B 283 2.65 4.40 38.33
CA ASN B 283 2.08 3.91 39.61
C ASN B 283 1.17 2.70 39.41
N TYR B 284 0.79 2.34 38.17
CA TYR B 284 -0.17 1.24 37.87
C TYR B 284 0.51 0.11 37.08
N LEU B 285 1.14 0.42 35.93
CA LEU B 285 1.75 -0.60 35.03
C LEU B 285 3.09 -1.11 35.58
N LEU B 286 4.04 -0.22 35.86
CA LEU B 286 5.45 -0.59 36.17
C LEU B 286 5.58 -0.99 37.65
N THR B 287 4.60 -1.74 38.14
CA THR B 287 4.53 -2.33 39.50
C THR B 287 4.48 -3.86 39.35
N ASP B 288 5.08 -4.61 40.28
CA ASP B 288 5.11 -6.10 40.27
C ASP B 288 3.71 -6.62 39.89
N GLU B 289 2.69 -6.21 40.64
CA GLU B 289 1.24 -6.51 40.41
C GLU B 289 0.86 -6.19 38.95
N GLY B 290 1.25 -5.01 38.45
CA GLY B 290 0.89 -4.47 37.12
C GLY B 290 1.53 -5.26 35.97
N LEU B 291 2.85 -5.47 36.00
CA LEU B 291 3.61 -6.25 34.99
C LEU B 291 3.14 -7.70 34.96
N GLU B 292 2.74 -8.24 36.11
CA GLU B 292 2.25 -9.63 36.27
C GLU B 292 0.99 -9.86 35.43
N ALA B 293 0.10 -8.85 35.33
CA ALA B 293 -1.16 -8.90 34.55
C ALA B 293 -0.86 -9.12 33.06
N VAL B 294 0.02 -8.28 32.50
CA VAL B 294 0.41 -8.29 31.06
C VAL B 294 1.16 -9.60 30.75
N ASN B 295 2.15 -9.93 31.59
CA ASN B 295 3.02 -11.11 31.44
C ASN B 295 2.16 -12.39 31.52
N LYS B 296 1.09 -12.38 32.34
CA LYS B 296 0.16 -13.54 32.53
C LYS B 296 -0.58 -13.79 31.22
N ASP B 297 -0.96 -12.74 30.48
CA ASP B 297 -1.58 -12.85 29.12
C ASP B 297 -0.52 -13.34 28.13
N LYS B 298 0.51 -12.52 27.90
CA LYS B 298 1.61 -12.80 26.95
C LYS B 298 2.91 -12.38 27.62
N PRO B 299 3.89 -13.30 27.81
CA PRO B 299 5.16 -12.97 28.47
C PRO B 299 5.98 -11.87 27.79
N LEU B 300 6.46 -10.91 28.58
CA LEU B 300 7.20 -9.71 28.13
C LEU B 300 8.69 -10.04 27.97
N GLY B 301 9.16 -11.12 28.61
CA GLY B 301 10.59 -11.43 28.75
C GLY B 301 11.14 -10.88 30.06
N ALA B 302 12.31 -10.25 30.02
CA ALA B 302 13.01 -9.72 31.22
C ALA B 302 12.60 -8.26 31.40
N VAL B 303 11.64 -8.00 32.31
CA VAL B 303 11.03 -6.65 32.51
C VAL B 303 12.08 -5.66 33.00
N ALA B 304 11.91 -4.38 32.66
CA ALA B 304 12.81 -3.25 32.98
C ALA B 304 12.80 -3.03 34.49
N LEU B 305 11.64 -3.19 35.14
CA LEU B 305 11.49 -3.14 36.62
C LEU B 305 12.35 -4.24 37.25
N LYS B 306 13.40 -3.86 37.99
CA LYS B 306 14.42 -4.80 38.53
C LYS B 306 13.77 -5.75 39.53
N SER B 307 12.72 -5.32 40.25
CA SER B 307 12.09 -6.12 41.33
C SER B 307 11.43 -7.37 40.73
N TYR B 308 10.53 -7.19 39.77
CA TYR B 308 9.72 -8.28 39.17
C TYR B 308 10.62 -9.11 38.24
N GLU B 309 11.70 -8.52 37.71
CA GLU B 309 12.75 -9.26 36.95
C GLU B 309 13.40 -10.27 37.91
N GLU B 310 13.78 -9.82 39.11
CA GLU B 310 14.41 -10.64 40.18
C GLU B 310 13.52 -11.86 40.46
N GLU B 311 12.20 -11.67 40.48
CA GLU B 311 11.21 -12.75 40.74
C GLU B 311 11.26 -13.77 39.60
N LEU B 312 11.21 -13.29 38.35
CA LEU B 312 10.99 -14.12 37.14
C LEU B 312 12.33 -14.58 36.52
N ALA B 313 13.47 -14.07 37.02
CA ALA B 313 14.83 -14.42 36.55
C ALA B 313 15.01 -15.94 36.46
N LYS B 314 14.33 -16.69 37.34
CA LYS B 314 14.49 -18.16 37.54
C LYS B 314 14.09 -18.92 36.28
N ASP B 315 13.15 -18.38 35.49
CA ASP B 315 12.58 -19.00 34.26
C ASP B 315 13.72 -19.35 33.30
N PRO B 316 13.94 -20.65 32.98
CA PRO B 316 14.95 -21.04 32.00
C PRO B 316 14.72 -20.35 30.65
N ARG B 317 13.45 -20.10 30.33
CA ARG B 317 12.99 -19.41 29.09
C ARG B 317 13.59 -18.00 29.02
N ILE B 318 13.44 -17.21 30.10
CA ILE B 318 13.96 -15.80 30.19
C ILE B 318 15.49 -15.83 30.20
N ALA B 319 16.08 -16.81 30.91
CA ALA B 319 17.53 -16.98 31.02
C ALA B 319 18.15 -17.11 29.62
N ALA B 320 17.50 -17.91 28.76
CA ALA B 320 17.92 -18.18 27.36
C ALA B 320 17.61 -16.98 26.45
N THR B 321 16.52 -16.24 26.73
CA THR B 321 16.19 -14.97 26.05
C THR B 321 17.35 -13.98 26.29
N MET B 322 17.81 -13.86 27.54
CA MET B 322 18.94 -12.97 27.95
C MET B 322 20.26 -13.52 27.40
N GLU B 323 20.36 -14.83 27.23
CA GLU B 323 21.62 -15.46 26.71
C GLU B 323 21.79 -15.03 25.25
N ASN B 324 20.69 -15.08 24.48
CA ASN B 324 20.68 -14.68 23.04
C ASN B 324 20.90 -13.16 22.93
N ALA B 325 20.44 -12.38 23.91
CA ALA B 325 20.59 -10.90 23.96
C ALA B 325 22.08 -10.54 24.07
N GLN B 326 22.80 -11.16 25.01
CA GLN B 326 24.27 -10.95 25.19
C GLN B 326 24.98 -11.15 23.83
N LYS B 327 24.59 -12.16 23.05
CA LYS B 327 25.19 -12.51 21.74
C LYS B 327 24.72 -11.54 20.64
N GLY B 328 23.49 -11.02 20.74
CA GLY B 328 22.93 -10.05 19.79
C GLY B 328 23.33 -8.62 20.11
N GLU B 329 22.76 -7.65 19.39
CA GLU B 329 23.06 -6.19 19.48
C GLU B 329 21.73 -5.44 19.71
N ILE B 330 21.70 -4.46 20.62
CA ILE B 330 20.50 -3.60 20.86
C ILE B 330 20.22 -2.75 19.61
N MET B 331 18.95 -2.58 19.29
CA MET B 331 18.49 -1.79 18.11
C MET B 331 18.82 -0.32 18.34
N PRO B 332 19.33 0.39 17.32
CA PRO B 332 19.33 1.84 17.35
C PRO B 332 17.90 2.36 17.38
N ASN B 333 17.67 3.51 18.00
CA ASN B 333 16.37 4.22 17.93
C ASN B 333 16.46 5.39 16.94
N ILE B 334 17.62 5.62 16.31
CA ILE B 334 17.79 6.71 15.29
C ILE B 334 16.63 6.64 14.28
N PRO B 335 16.28 7.75 13.60
CA PRO B 335 15.07 7.77 12.76
C PRO B 335 15.17 6.91 11.49
N GLN B 336 16.39 6.59 11.04
CA GLN B 336 16.68 5.86 9.78
C GLN B 336 16.44 4.36 9.96
N MET B 337 16.19 3.89 11.17
CA MET B 337 16.00 2.45 11.45
C MET B 337 14.87 1.95 10.56
N SER B 338 13.79 2.72 10.47
CA SER B 338 12.60 2.43 9.62
C SER B 338 13.02 2.09 8.20
N ALA B 339 13.85 2.92 7.58
CA ALA B 339 14.28 2.75 6.17
C ALA B 339 15.15 1.48 6.06
N PHE B 340 16.05 1.28 7.02
CA PHE B 340 16.88 0.06 7.13
C PHE B 340 15.95 -1.16 7.08
N TRP B 341 14.93 -1.15 7.94
CA TRP B 341 13.97 -2.27 8.13
C TRP B 341 13.25 -2.54 6.81
N TYR B 342 12.66 -1.50 6.21
CA TYR B 342 11.90 -1.59 4.94
C TYR B 342 12.78 -2.19 3.84
N ALA B 343 14.01 -1.67 3.72
CA ALA B 343 14.99 -2.07 2.68
C ALA B 343 15.35 -3.55 2.87
N VAL B 344 15.73 -3.93 4.10
CA VAL B 344 16.21 -5.31 4.39
C VAL B 344 15.04 -6.28 4.22
N ARG B 345 13.83 -5.88 4.65
CA ARG B 345 12.61 -6.72 4.51
C ARG B 345 12.51 -7.17 3.06
N THR B 346 12.66 -6.23 2.12
CA THR B 346 12.56 -6.46 0.65
C THR B 346 13.73 -7.30 0.17
N ALA B 347 14.95 -6.96 0.58
CA ALA B 347 16.15 -7.78 0.27
C ALA B 347 15.84 -9.25 0.57
N VAL B 348 15.48 -9.55 1.83
CA VAL B 348 15.24 -10.94 2.34
C VAL B 348 14.19 -11.61 1.46
N ILE B 349 13.06 -10.96 1.27
CA ILE B 349 11.88 -11.54 0.55
C ILE B 349 12.23 -11.76 -0.93
N ASN B 350 12.98 -10.85 -1.55
CA ASN B 350 13.32 -10.93 -3.00
C ASN B 350 14.34 -12.06 -3.22
N ALA B 351 15.29 -12.22 -2.30
CA ALA B 351 16.27 -13.32 -2.33
C ALA B 351 15.57 -14.64 -2.02
N ALA B 352 14.72 -14.68 -0.99
CA ALA B 352 13.97 -15.88 -0.58
C ALA B 352 13.11 -16.37 -1.75
N SER B 353 12.57 -15.45 -2.56
CA SER B 353 11.69 -15.73 -3.72
C SER B 353 12.52 -16.02 -4.96
N GLY B 354 13.76 -15.53 -5.01
CA GLY B 354 14.61 -15.55 -6.22
C GLY B 354 14.28 -14.44 -7.20
N ARG B 355 13.51 -13.40 -6.80
CA ARG B 355 13.24 -12.23 -7.68
C ARG B 355 14.56 -11.48 -7.91
N GLN B 356 15.39 -11.38 -6.88
CA GLN B 356 16.78 -10.82 -6.93
C GLN B 356 17.76 -11.90 -6.44
N THR B 357 18.98 -11.91 -6.99
CA THR B 357 20.13 -12.67 -6.42
C THR B 357 20.50 -12.04 -5.07
N VAL B 358 21.19 -12.78 -4.20
CA VAL B 358 21.58 -12.27 -2.85
C VAL B 358 22.43 -10.99 -3.00
N ASP B 359 23.33 -10.94 -3.99
CA ASP B 359 24.22 -9.77 -4.21
C ASP B 359 23.39 -8.54 -4.58
N GLU B 360 22.55 -8.65 -5.61
CA GLU B 360 21.63 -7.57 -6.06
C GLU B 360 20.73 -7.14 -4.89
N ALA B 361 20.15 -8.10 -4.17
CA ALA B 361 19.15 -7.87 -3.09
C ALA B 361 19.82 -7.10 -1.95
N LEU B 362 20.97 -7.57 -1.46
CA LEU B 362 21.71 -6.97 -0.32
C LEU B 362 22.27 -5.60 -0.72
N LYS B 363 22.72 -5.47 -1.97
CA LYS B 363 23.28 -4.21 -2.52
C LYS B 363 22.22 -3.11 -2.43
N ASP B 364 21.00 -3.40 -2.90
CA ASP B 364 19.88 -2.42 -2.97
C ASP B 364 19.36 -2.12 -1.56
N ALA B 365 19.46 -3.06 -0.63
CA ALA B 365 19.08 -2.85 0.79
C ALA B 365 20.09 -1.93 1.46
N GLN B 366 21.37 -2.05 1.12
CA GLN B 366 22.44 -1.11 1.60
C GLN B 366 22.09 0.30 1.11
N THR B 367 21.79 0.46 -0.17
CA THR B 367 21.43 1.75 -0.81
C THR B 367 20.20 2.35 -0.11
N GLY B 368 19.16 1.53 0.08
CA GLY B 368 17.87 1.95 0.66
C GLY B 368 18.02 2.57 2.03
N SER B 369 18.84 1.95 2.89
CA SER B 369 19.04 2.32 4.31
C SER B 369 19.65 3.73 4.39
N GLU B 370 20.60 3.98 3.50
CA GLU B 370 21.45 5.17 3.57
C GLU B 370 20.84 6.29 2.71
N LEU B 371 19.85 6.01 1.86
CA LEU B 371 19.40 6.97 0.79
C LEU B 371 18.94 8.29 1.44
N TYR B 372 18.04 8.23 2.42
CA TYR B 372 17.43 9.46 2.96
C TYR B 372 18.53 10.31 3.60
N ARG B 373 19.24 9.75 4.58
CA ARG B 373 20.29 10.49 5.36
C ARG B 373 21.25 11.15 4.36
N GLN B 374 21.72 10.39 3.37
CA GLN B 374 22.73 10.79 2.36
C GLN B 374 22.18 11.93 1.51
N SER B 375 21.01 11.72 0.90
CA SER B 375 20.25 12.74 0.13
C SER B 375 20.23 14.04 0.93
N LEU B 376 19.71 14.00 2.17
CA LEU B 376 19.53 15.20 3.02
C LEU B 376 20.88 15.90 3.23
N GLU B 377 21.91 15.11 3.54
CA GLU B 377 23.29 15.59 3.82
C GLU B 377 23.79 16.39 2.61
N ILE B 378 23.76 15.75 1.44
CA ILE B 378 24.26 16.29 0.15
C ILE B 378 23.44 17.54 -0.18
N ILE B 379 22.12 17.40 -0.25
CA ILE B 379 21.23 18.49 -0.75
C ILE B 379 21.33 19.67 0.21
N SER B 380 21.19 19.43 1.51
CA SER B 380 21.20 20.49 2.55
C SER B 380 22.53 21.24 2.49
N ARG B 381 23.67 20.53 2.38
CA ARG B 381 25.01 21.18 2.37
C ARG B 381 25.05 22.08 1.13
N TYR B 382 24.74 21.54 -0.04
CA TYR B 382 24.76 22.29 -1.32
C TYR B 382 23.93 23.56 -1.16
N LEU B 383 22.73 23.46 -0.59
CA LEU B 383 21.79 24.60 -0.51
C LEU B 383 22.40 25.69 0.38
N ARG B 384 22.93 25.32 1.56
CA ARG B 384 23.49 26.30 2.53
C ARG B 384 24.80 26.89 1.96
N GLU B 385 25.59 26.06 1.28
CA GLU B 385 26.86 26.49 0.65
C GLU B 385 26.58 27.53 -0.44
N GLN B 386 25.60 27.29 -1.31
CA GLN B 386 25.25 28.18 -2.44
C GLN B 386 24.79 29.54 -1.89
N ALA B 387 23.95 29.54 -0.85
CA ALA B 387 23.49 30.73 -0.10
C ALA B 387 24.68 31.49 0.51
N THR B 388 25.53 30.80 1.28
CA THR B 388 26.72 31.34 1.98
C THR B 388 28.00 30.65 1.46
N SER B 399 29.48 6.62 3.50
CA SER B 399 28.47 7.59 3.01
C SER B 399 29.05 9.02 2.99
N GLY B 400 30.07 9.29 3.82
CA GLY B 400 30.89 10.54 3.79
C GLY B 400 31.73 10.67 2.53
N ALA B 401 32.40 9.58 2.11
CA ALA B 401 33.20 9.48 0.86
C ALA B 401 32.29 9.70 -0.35
N THR B 402 31.14 9.03 -0.40
CA THR B 402 30.09 9.18 -1.45
C THR B 402 29.55 10.63 -1.40
N SER B 403 29.16 11.12 -0.22
CA SER B 403 28.68 12.50 0.04
C SER B 403 29.68 13.53 -0.50
N ARG B 404 30.95 13.40 -0.11
CA ARG B 404 32.05 14.35 -0.48
C ARG B 404 32.12 14.41 -2.01
N LYS B 405 32.18 13.26 -2.68
CA LYS B 405 32.33 13.15 -4.16
C LYS B 405 31.07 13.67 -4.84
N ALA B 406 29.89 13.40 -4.26
CA ALA B 406 28.57 13.81 -4.79
C ALA B 406 28.41 15.34 -4.69
N LEU B 407 28.66 15.89 -3.52
CA LEU B 407 28.70 17.36 -3.28
C LEU B 407 29.73 18.01 -4.23
N GLU B 408 30.93 17.41 -4.40
CA GLU B 408 31.98 17.91 -5.33
C GLU B 408 31.37 18.00 -6.73
N THR B 409 30.70 16.92 -7.17
CA THR B 409 30.02 16.79 -8.48
C THR B 409 28.89 17.82 -8.59
N LEU B 410 28.06 17.88 -7.56
CA LEU B 410 26.89 18.81 -7.52
C LEU B 410 27.40 20.25 -7.69
N ARG B 411 28.53 20.60 -7.06
CA ARG B 411 29.14 21.95 -7.13
C ARG B 411 29.40 22.30 -8.60
N ARG B 412 30.19 21.49 -9.30
CA ARG B 412 30.54 21.76 -10.73
C ARG B 412 29.27 21.74 -11.59
N VAL B 413 28.47 20.68 -11.53
CA VAL B 413 27.30 20.47 -12.44
C VAL B 413 26.20 21.51 -12.16
N GLY B 414 25.81 21.66 -10.88
CA GLY B 414 24.63 22.45 -10.46
C GLY B 414 24.83 23.94 -10.70
N ASP B 415 26.03 24.45 -10.43
CA ASP B 415 26.42 25.86 -10.77
C ASP B 415 26.27 26.05 -12.29
N GLY B 416 26.54 24.99 -13.06
CA GLY B 416 26.37 24.96 -14.53
C GLY B 416 24.90 24.94 -14.95
N VAL B 417 24.07 24.11 -14.31
CA VAL B 417 22.62 24.01 -14.64
C VAL B 417 21.96 25.34 -14.30
N GLN B 418 22.33 25.97 -13.18
CA GLN B 418 21.83 27.30 -12.76
C GLN B 418 22.16 28.34 -13.84
N ARG B 419 23.43 28.39 -14.25
CA ARG B 419 23.91 29.35 -15.28
C ARG B 419 23.07 29.16 -16.56
N ASN B 420 22.86 27.93 -17.02
CA ASN B 420 22.23 27.63 -18.34
C ASN B 420 20.71 27.78 -18.27
N HIS B 421 20.10 27.60 -17.10
CA HIS B 421 18.62 27.61 -16.90
C HIS B 421 18.16 28.92 -16.24
N GLU B 422 18.99 29.96 -16.20
CA GLU B 422 18.72 31.20 -15.42
C GLU B 422 17.36 31.80 -15.80
N THR B 423 17.08 31.96 -17.09
CA THR B 423 15.85 32.58 -17.62
C THR B 423 14.60 31.85 -17.09
N ALA B 424 14.57 30.51 -17.23
CA ALA B 424 13.44 29.66 -16.79
C ALA B 424 13.31 29.73 -15.27
N PHE B 425 14.44 29.66 -14.55
CA PHE B 425 14.50 29.60 -13.07
C PHE B 425 13.99 30.94 -12.52
N GLN B 426 14.36 32.06 -13.13
CA GLN B 426 13.91 33.40 -12.69
C GLN B 426 12.39 33.55 -12.89
N GLY B 427 11.88 33.19 -14.07
CA GLY B 427 10.42 33.18 -14.35
C GLY B 427 9.64 32.47 -13.25
N MET B 428 10.11 31.27 -12.86
CA MET B 428 9.44 30.36 -11.89
C MET B 428 9.53 30.95 -10.48
N LEU B 429 10.65 31.57 -10.14
CA LEU B 429 10.91 32.16 -8.80
C LEU B 429 9.96 33.32 -8.55
N ARG B 430 9.78 34.17 -9.57
CA ARG B 430 8.89 35.37 -9.56
C ARG B 430 7.43 34.90 -9.45
N LYS B 431 7.07 33.75 -10.04
CA LYS B 431 5.72 33.17 -9.88
C LYS B 431 5.56 32.57 -8.46
N LEU B 432 6.52 31.77 -7.98
CA LEU B 432 6.39 30.89 -6.78
C LEU B 432 7.03 31.53 -5.55
N ASP B 433 6.53 32.70 -5.15
CA ASP B 433 7.09 33.51 -4.01
C ASP B 433 6.79 32.79 -2.69
N ILE B 434 7.76 32.72 -1.77
CA ILE B 434 7.69 31.89 -0.53
C ILE B 434 7.50 32.76 0.71
N LYS B 435 6.54 32.39 1.56
CA LYS B 435 6.18 33.14 2.79
C LYS B 435 6.56 32.32 4.02
N ASN B 436 6.39 30.99 3.99
CA ASN B 436 6.46 30.14 5.21
C ASN B 436 6.98 28.74 4.89
N GLU B 437 7.15 27.92 5.93
CA GLU B 437 7.57 26.50 5.85
C GLU B 437 6.62 25.72 4.93
N ASP B 438 5.32 26.05 4.92
CA ASP B 438 4.26 25.34 4.17
C ASP B 438 4.35 25.67 2.67
N ASP B 439 4.63 26.93 2.32
CA ASP B 439 4.86 27.36 0.91
C ASP B 439 6.13 26.68 0.39
N VAL B 440 7.15 26.53 1.23
CA VAL B 440 8.40 25.79 0.92
C VAL B 440 8.05 24.31 0.65
N LYS B 441 7.13 23.74 1.44
CA LYS B 441 6.65 22.34 1.29
C LYS B 441 5.89 22.21 -0.05
N SER B 442 5.01 23.16 -0.35
CA SER B 442 4.18 23.23 -1.59
C SER B 442 5.10 23.31 -2.82
N LEU B 443 6.08 24.22 -2.77
CA LEU B 443 7.13 24.38 -3.80
C LEU B 443 7.69 23.01 -4.18
N SER B 444 8.13 22.24 -3.18
CA SER B 444 8.68 20.87 -3.37
C SER B 444 7.72 20.00 -4.20
N ARG B 445 6.45 19.87 -3.76
CA ARG B 445 5.46 18.97 -4.41
C ARG B 445 5.31 19.40 -5.88
N VAL B 446 5.38 20.70 -6.15
CA VAL B 446 5.26 21.27 -7.52
C VAL B 446 6.55 20.96 -8.31
N MET B 447 7.72 21.15 -7.70
CA MET B 447 9.01 21.05 -8.44
C MET B 447 9.17 19.66 -9.06
N ILE B 448 8.94 18.59 -8.28
CA ILE B 448 9.09 17.19 -8.80
C ILE B 448 8.26 17.05 -10.07
N HIS B 449 7.06 17.62 -10.10
CA HIS B 449 6.11 17.49 -11.26
C HIS B 449 6.67 18.26 -12.45
N VAL B 450 7.08 19.51 -12.24
CA VAL B 450 7.58 20.44 -13.29
C VAL B 450 8.79 19.82 -13.97
N PHE B 451 9.83 19.50 -13.19
CA PHE B 451 11.17 19.12 -13.68
C PHE B 451 11.19 17.68 -14.21
N SER B 452 10.54 16.76 -13.48
CA SER B 452 10.32 15.33 -13.89
C SER B 452 8.99 15.22 -14.64
N ASP B 453 8.94 15.69 -15.89
CA ASP B 453 7.72 15.67 -16.75
C ASP B 453 7.14 14.25 -16.84
N GLY B 454 7.95 13.31 -17.34
CA GLY B 454 7.63 11.87 -17.35
C GLY B 454 8.72 11.05 -16.69
N VAL B 455 9.97 11.30 -17.09
CA VAL B 455 11.11 10.35 -16.90
C VAL B 455 11.95 10.75 -15.67
N THR B 456 12.48 9.75 -14.97
CA THR B 456 13.57 9.91 -13.96
C THR B 456 14.93 9.68 -14.64
N ASN B 457 15.75 10.71 -14.72
CA ASN B 457 17.19 10.63 -15.07
C ASN B 457 17.97 11.64 -14.20
N TRP B 458 19.30 11.48 -14.13
CA TRP B 458 20.18 12.29 -13.25
C TRP B 458 20.14 13.76 -13.66
N GLY B 459 20.06 14.05 -14.96
CA GLY B 459 19.88 15.43 -15.47
C GLY B 459 18.72 16.12 -14.77
N ARG B 460 17.54 15.51 -14.78
CA ARG B 460 16.32 16.08 -14.17
C ARG B 460 16.51 16.25 -12.65
N ILE B 461 17.07 15.26 -11.96
CA ILE B 461 17.28 15.30 -10.48
C ILE B 461 18.24 16.43 -10.13
N VAL B 462 19.28 16.65 -10.93
CA VAL B 462 20.25 17.75 -10.70
C VAL B 462 19.58 19.10 -10.97
N THR B 463 18.81 19.21 -12.04
CA THR B 463 18.01 20.41 -12.40
C THR B 463 17.09 20.74 -11.22
N LEU B 464 16.40 19.76 -10.64
CA LEU B 464 15.50 19.98 -9.47
C LEU B 464 16.33 20.55 -8.31
N ILE B 465 17.46 19.93 -8.00
CA ILE B 465 18.32 20.34 -6.84
C ILE B 465 18.91 21.73 -7.15
N SER B 466 19.29 21.97 -8.41
CA SER B 466 19.84 23.25 -8.92
C SER B 466 18.82 24.37 -8.76
N PHE B 467 17.52 24.10 -8.97
CA PHE B 467 16.44 25.09 -8.71
C PHE B 467 16.30 25.28 -7.20
N GLY B 468 16.41 24.20 -6.42
CA GLY B 468 16.41 24.30 -4.95
C GLY B 468 17.50 25.24 -4.48
N ALA B 469 18.67 25.15 -5.10
CA ALA B 469 19.83 26.01 -4.80
C ALA B 469 19.48 27.46 -5.15
N PHE B 470 18.85 27.66 -6.31
CA PHE B 470 18.50 28.98 -6.90
C PHE B 470 17.59 29.71 -5.92
N VAL B 471 16.62 28.98 -5.35
CA VAL B 471 15.63 29.48 -4.36
C VAL B 471 16.35 29.75 -3.04
N ALA B 472 17.25 28.87 -2.60
CA ALA B 472 18.02 29.02 -1.34
C ALA B 472 18.79 30.34 -1.38
N LYS B 473 19.31 30.70 -2.56
CA LYS B 473 20.09 31.94 -2.79
C LYS B 473 19.13 33.13 -2.66
N HIS B 474 17.91 32.99 -3.18
CA HIS B 474 16.86 34.03 -3.14
C HIS B 474 16.43 34.24 -1.69
N LEU B 475 16.39 33.16 -0.90
CA LEU B 475 15.94 33.18 0.52
C LEU B 475 16.92 34.07 1.30
N LYS B 476 18.23 33.92 1.07
CA LYS B 476 19.26 34.79 1.67
C LYS B 476 19.01 36.26 1.25
N THR B 477 18.80 36.51 -0.05
CA THR B 477 18.54 37.84 -0.66
C THR B 477 17.39 38.53 0.07
N ILE B 478 16.31 37.78 0.27
CA ILE B 478 15.00 38.27 0.77
C ILE B 478 14.96 38.08 2.29
N ASN B 479 16.13 37.88 2.92
CA ASN B 479 16.29 37.89 4.41
C ASN B 479 15.43 36.80 5.06
N GLN B 480 15.31 35.62 4.44
CA GLN B 480 14.59 34.43 4.99
C GLN B 480 15.58 33.25 5.11
N GLU B 481 16.75 33.47 5.72
CA GLU B 481 17.82 32.43 5.76
C GLU B 481 17.33 31.17 6.50
N SER B 482 16.34 31.30 7.37
CA SER B 482 15.80 30.20 8.24
C SER B 482 15.04 29.14 7.42
N CYS B 483 14.53 29.50 6.23
CA CYS B 483 13.64 28.66 5.38
C CYS B 483 14.45 27.66 4.52
N ILE B 484 15.78 27.75 4.57
CA ILE B 484 16.72 26.96 3.72
C ILE B 484 16.68 25.49 4.15
N GLU B 485 16.79 25.22 5.46
CA GLU B 485 16.83 23.83 5.99
C GLU B 485 15.51 23.11 5.68
N PRO B 486 14.34 23.73 5.98
CA PRO B 486 13.06 23.17 5.54
C PRO B 486 12.94 22.88 4.03
N LEU B 487 13.51 23.73 3.18
CA LEU B 487 13.48 23.56 1.71
C LEU B 487 14.26 22.30 1.35
N ALA B 488 15.46 22.19 1.91
CA ALA B 488 16.36 21.02 1.76
C ALA B 488 15.61 19.77 2.21
N GLU B 489 14.94 19.83 3.37
CA GLU B 489 14.18 18.70 3.96
C GLU B 489 13.08 18.29 2.97
N SER B 490 12.34 19.27 2.43
CA SER B 490 11.16 19.04 1.58
C SER B 490 11.59 18.47 0.24
N ILE B 491 12.65 19.02 -0.36
CA ILE B 491 13.20 18.51 -1.65
C ILE B 491 13.63 17.07 -1.45
N THR B 492 14.37 16.77 -0.37
CA THR B 492 14.81 15.40 -0.04
C THR B 492 13.57 14.49 0.07
N ASP B 493 12.58 14.94 0.82
CA ASP B 493 11.31 14.19 1.01
C ASP B 493 10.76 13.74 -0.36
N VAL B 494 10.45 14.68 -1.26
CA VAL B 494 9.76 14.33 -2.54
C VAL B 494 10.73 13.57 -3.45
N LEU B 495 12.04 13.81 -3.31
CA LEU B 495 13.04 13.10 -4.13
C LEU B 495 13.00 11.60 -3.80
N VAL B 496 13.18 11.26 -2.53
CA VAL B 496 13.25 9.85 -2.04
C VAL B 496 11.84 9.20 -2.18
N ARG B 497 10.78 9.92 -1.82
CA ARG B 497 9.39 9.39 -1.86
C ARG B 497 9.06 8.95 -3.29
N THR B 498 9.23 9.81 -4.29
CA THR B 498 8.69 9.59 -5.66
C THR B 498 9.70 8.84 -6.55
N LYS B 499 11.00 8.84 -6.21
CA LYS B 499 12.04 8.20 -7.07
C LYS B 499 12.89 7.20 -6.28
N ARG B 500 12.45 6.73 -5.11
CA ARG B 500 13.20 5.75 -4.27
C ARG B 500 13.69 4.59 -5.14
N ASP B 501 12.80 3.88 -5.84
CA ASP B 501 13.17 2.64 -6.55
C ASP B 501 14.22 2.94 -7.61
N TRP B 502 13.99 3.95 -8.45
CA TRP B 502 14.94 4.32 -9.53
C TRP B 502 16.31 4.64 -8.90
N LEU B 503 16.32 5.42 -7.81
CA LEU B 503 17.57 5.87 -7.12
C LEU B 503 18.34 4.65 -6.62
N VAL B 504 17.67 3.76 -5.90
CA VAL B 504 18.29 2.50 -5.38
C VAL B 504 18.74 1.67 -6.58
N LYS B 505 18.00 1.66 -7.70
CA LYS B 505 18.32 0.82 -8.88
C LYS B 505 19.63 1.32 -9.51
N GLN B 506 19.93 2.62 -9.37
CA GLN B 506 21.13 3.31 -9.94
C GLN B 506 22.31 3.26 -8.95
N ARG B 507 22.23 2.41 -7.92
CA ARG B 507 23.20 2.37 -6.78
C ARG B 507 23.27 3.77 -6.16
N GLY B 508 22.13 4.45 -6.05
CA GLY B 508 21.98 5.72 -5.30
C GLY B 508 22.98 6.78 -5.71
N TRP B 509 23.54 7.49 -4.72
CA TRP B 509 24.44 8.64 -4.96
C TRP B 509 25.76 8.21 -5.60
N ASP B 510 26.14 6.93 -5.44
CA ASP B 510 27.40 6.39 -6.03
C ASP B 510 27.26 6.37 -7.55
N GLY B 511 26.05 6.08 -8.03
CA GLY B 511 25.71 6.09 -9.47
C GLY B 511 25.75 7.50 -10.02
N PHE B 512 25.33 8.47 -9.22
CA PHE B 512 25.32 9.91 -9.59
C PHE B 512 26.76 10.33 -9.89
N VAL B 513 27.70 9.93 -9.04
CA VAL B 513 29.15 10.30 -9.14
C VAL B 513 29.75 9.66 -10.40
N GLU B 514 29.38 8.41 -10.68
CA GLU B 514 29.85 7.67 -11.88
C GLU B 514 29.22 8.24 -13.16
N PHE B 515 27.97 8.69 -13.10
CA PHE B 515 27.30 9.27 -14.28
C PHE B 515 28.10 10.48 -14.78
N PHE B 516 28.48 11.36 -13.84
CA PHE B 516 29.27 12.60 -14.09
C PHE B 516 30.72 12.36 -13.62
N HIS B 517 31.58 11.77 -14.45
CA HIS B 517 33.03 11.54 -14.16
C HIS B 517 33.89 12.09 -15.29
N TYR C 1 2.66 22.57 -17.08
CA TYR C 1 1.51 22.10 -16.26
C TYR C 1 0.71 23.31 -15.73
N LEU C 2 -0.62 23.20 -15.77
CA LEU C 2 -1.49 24.21 -15.12
C LEU C 2 -1.47 23.93 -13.62
N LEU C 3 -1.27 24.96 -12.81
CA LEU C 3 -1.01 24.83 -11.35
C LEU C 3 -1.62 26.00 -10.61
N PHE C 4 -1.98 25.72 -9.36
CA PHE C 4 -2.50 26.70 -8.38
C PHE C 4 -1.41 26.97 -7.37
N TRP C 5 -0.95 28.22 -7.39
CA TRP C 5 -0.17 28.88 -6.34
C TRP C 5 -1.03 29.99 -5.74
N ARG C 6 -1.67 29.72 -4.60
CA ARG C 6 -2.37 30.70 -3.73
C ARG C 6 -3.51 31.38 -4.51
N ASP C 7 -4.50 30.62 -5.01
CA ASP C 7 -5.72 31.14 -5.67
C ASP C 7 -5.35 31.85 -6.99
N GLU C 8 -4.28 31.43 -7.65
CA GLU C 8 -3.82 32.01 -8.94
C GLU C 8 -3.43 30.85 -9.86
N LEU C 9 -4.16 30.70 -10.96
CA LEU C 9 -3.88 29.68 -11.98
C LEU C 9 -2.67 30.11 -12.80
N ILE C 10 -1.72 29.19 -12.97
CA ILE C 10 -0.32 29.47 -13.36
C ILE C 10 0.08 28.39 -14.38
N LEU C 11 0.75 28.78 -15.47
CA LEU C 11 1.38 27.81 -16.41
C LEU C 11 2.87 27.76 -16.12
N LEU C 12 3.34 26.61 -15.64
CA LEU C 12 4.67 26.46 -14.99
C LEU C 12 5.37 25.24 -15.57
#